data_3DDL
#
_entry.id   3DDL
#
_cell.length_a   52.740
_cell.length_b   59.490
_cell.length_c   59.720
_cell.angle_alpha   76.35
_cell.angle_beta   74.93
_cell.angle_gamma   64.08
#
_symmetry.space_group_name_H-M   'P 1'
#
loop_
_entity.id
_entity.type
_entity.pdbx_description
1 polymer Xanthorhodopsin
2 non-polymer Salinixanthin
3 non-polymer 'UNKNOWN LIGAND'
4 non-polymer RETINAL
5 non-polymer 1,2-DIMYRISTOYL-SN-GLYCERO-3-PHOSPHOCHOLINE
6 non-polymer 1,2-DIOLEOYL-SN-GLYCERO-3-PHOSPHOCHOLINE
7 water water
#
_entity_poly.entity_id   1
_entity_poly.type   'polypeptide(L)'
_entity_poly.pdbx_seq_one_letter_code
;MLQELPTLTPGQYSLVFNMFSFTVATMTASFVFFVLARNNVAPKYRISMMVSALVVFIAGYHYFRITSSWEAAYALQNGM
YQPTGELFNDAYRYVDWLLTVPLLTVELVLVMGLPKNERGPLAAKLGFLAALMIVLGYPGEVSENAALFGTRGLWGFLST
IPFVWILYILFTQLGDTIQRQSSRVSTLLGNARLLLLATWGFYPIAYMIPMAFPEAFPSNTPGTIVALQVGYTIADVLAK
AGYGVLIYNIAKAKSEEEGFNVSEMVEPATASA
;
_entity_poly.pdbx_strand_id   A,B
#
loop_
_chem_comp.id
_chem_comp.type
_chem_comp.name
_chem_comp.formula
PCW non-polymer 1,2-DIOLEOYL-SN-GLYCERO-3-PHOSPHOCHOLINE 'C44 H85 N O8 P 1'
PX4 non-polymer 1,2-DIMYRISTOYL-SN-GLYCERO-3-PHOSPHOCHOLINE 'C36 H73 N O8 P 1'
RET non-polymer RETINAL 'C20 H28 O'
SXN non-polymer Salinixanthin 'C61 H92 O9'
UNL non-polymer 'UNKNOWN LIGAND' ?
#
# COMPACT_ATOMS: atom_id res chain seq x y z
N GLU A 4 -21.36 -16.07 -17.34
CA GLU A 4 -22.39 -15.02 -17.09
C GLU A 4 -22.22 -14.34 -15.71
N LEU A 5 -21.30 -13.37 -15.67
CA LEU A 5 -21.00 -12.60 -14.44
C LEU A 5 -22.30 -12.01 -13.86
N PRO A 6 -22.42 -11.98 -12.54
CA PRO A 6 -23.62 -11.42 -11.90
C PRO A 6 -23.74 -9.91 -11.87
N THR A 7 -24.96 -9.42 -11.71
CA THR A 7 -25.20 -7.98 -11.64
C THR A 7 -24.51 -7.46 -10.36
N LEU A 8 -23.95 -6.26 -10.42
CA LEU A 8 -23.25 -5.72 -9.24
C LEU A 8 -23.76 -4.37 -8.78
N THR A 9 -23.63 -4.10 -7.49
CA THR A 9 -24.05 -2.81 -6.96
C THR A 9 -22.97 -1.84 -7.41
N PRO A 10 -23.24 -0.53 -7.38
CA PRO A 10 -22.21 0.44 -7.80
C PRO A 10 -20.96 0.30 -6.93
N GLY A 11 -21.17 0.00 -5.65
CA GLY A 11 -20.08 -0.18 -4.72
C GLY A 11 -19.17 -1.35 -5.06
N GLN A 12 -19.76 -2.50 -5.43
CA GLN A 12 -18.97 -3.69 -5.77
C GLN A 12 -18.24 -3.45 -7.09
N TYR A 13 -18.94 -2.87 -8.05
CA TYR A 13 -18.31 -2.60 -9.34
C TYR A 13 -17.11 -1.63 -9.20
N SER A 14 -17.34 -0.53 -8.50
CA SER A 14 -16.32 0.50 -8.31
C SER A 14 -15.15 0.06 -7.46
N LEU A 15 -15.38 -0.77 -6.46
CA LEU A 15 -14.25 -1.24 -5.66
C LEU A 15 -13.26 -1.97 -6.54
N VAL A 16 -13.77 -2.85 -7.40
CA VAL A 16 -12.91 -3.64 -8.30
C VAL A 16 -12.28 -2.76 -9.36
N PHE A 17 -13.09 -1.91 -9.98
CA PHE A 17 -12.61 -1.02 -11.03
C PHE A 17 -11.47 -0.11 -10.58
N ASN A 18 -11.64 0.51 -9.41
CA ASN A 18 -10.61 1.39 -8.86
C ASN A 18 -9.39 0.60 -8.43
N MET A 19 -9.60 -0.62 -7.93
CA MET A 19 -8.49 -1.47 -7.53
C MET A 19 -7.67 -1.78 -8.78
N PHE A 20 -8.32 -2.17 -9.88
CA PHE A 20 -7.58 -2.44 -11.12
C PHE A 20 -6.84 -1.18 -11.59
N SER A 21 -7.55 -0.03 -11.62
CA SER A 21 -6.97 1.27 -12.04
C SER A 21 -5.79 1.69 -11.19
N PHE A 22 -5.88 1.47 -9.88
CA PHE A 22 -4.79 1.81 -8.99
C PHE A 22 -3.56 0.96 -9.35
N THR A 23 -3.78 -0.31 -9.68
CA THR A 23 -2.71 -1.25 -10.01
C THR A 23 -2.03 -0.89 -11.34
N VAL A 24 -2.82 -0.44 -12.32
CA VAL A 24 -2.23 -0.01 -13.59
C VAL A 24 -1.32 1.21 -13.28
N ALA A 25 -1.81 2.13 -12.46
CA ALA A 25 -1.01 3.32 -12.12
C ALA A 25 0.24 2.96 -11.33
N THR A 26 0.09 2.04 -10.38
CA THR A 26 1.22 1.63 -9.55
C THR A 26 2.27 0.87 -10.39
N MET A 27 1.85 -0.04 -11.26
CA MET A 27 2.84 -0.75 -12.05
C MET A 27 3.59 0.18 -12.98
N THR A 28 2.89 1.16 -13.56
CA THR A 28 3.55 2.11 -14.45
C THR A 28 4.58 2.90 -13.66
N ALA A 29 4.20 3.33 -12.46
CA ALA A 29 5.14 4.09 -11.60
C ALA A 29 6.37 3.25 -11.24
N SER A 30 6.13 1.97 -10.91
CA SER A 30 7.22 1.05 -10.58
C SER A 30 8.16 0.85 -11.76
N PHE A 31 7.59 0.76 -12.97
CA PHE A 31 8.39 0.60 -14.17
C PHE A 31 9.33 1.79 -14.29
N VAL A 32 8.81 3.01 -14.19
CA VAL A 32 9.70 4.15 -14.32
C VAL A 32 10.70 4.16 -13.18
N PHE A 33 10.22 3.87 -11.96
CA PHE A 33 11.13 3.84 -10.81
C PHE A 33 12.26 2.82 -11.01
N PHE A 34 11.95 1.57 -11.41
CA PHE A 34 13.00 0.57 -11.58
C PHE A 34 13.95 0.89 -12.74
N VAL A 35 13.41 1.49 -13.80
CA VAL A 35 14.22 1.88 -14.96
C VAL A 35 15.15 3.00 -14.49
N LEU A 36 14.56 4.02 -13.87
CA LEU A 36 15.32 5.17 -13.34
C LEU A 36 16.34 4.69 -12.27
N ALA A 37 15.99 3.64 -11.52
CA ALA A 37 16.85 3.13 -10.44
C ALA A 37 18.07 2.32 -10.90
N ARG A 38 18.09 1.99 -12.19
CA ARG A 38 19.15 1.23 -12.83
C ARG A 38 20.52 1.79 -12.42
N ASN A 39 20.65 3.10 -12.48
CA ASN A 39 21.89 3.78 -12.18
C ASN A 39 22.17 4.12 -10.72
N ASN A 40 21.33 3.68 -9.79
CA ASN A 40 21.56 3.95 -8.37
C ASN A 40 22.18 2.71 -7.71
N VAL A 41 22.53 1.70 -8.49
CA VAL A 41 23.15 0.49 -7.95
C VAL A 41 24.40 0.16 -8.77
N ALA A 42 25.30 -0.62 -8.20
CA ALA A 42 26.53 -0.97 -8.92
C ALA A 42 26.22 -1.73 -10.21
N PRO A 43 27.14 -1.68 -11.18
CA PRO A 43 26.92 -2.38 -12.45
C PRO A 43 26.54 -3.86 -12.33
N LYS A 44 27.18 -4.58 -11.42
CA LYS A 44 26.88 -5.99 -11.25
C LYS A 44 25.43 -6.31 -10.86
N TYR A 45 24.65 -5.29 -10.47
CA TYR A 45 23.26 -5.52 -10.07
C TYR A 45 22.22 -4.85 -10.95
N ARG A 46 22.66 -4.20 -12.02
CA ARG A 46 21.69 -3.54 -12.87
C ARG A 46 20.79 -4.52 -13.63
N ILE A 47 21.22 -5.77 -13.75
CA ILE A 47 20.42 -6.78 -14.43
C ILE A 47 19.15 -7.09 -13.61
N SER A 48 19.28 -7.13 -12.28
CA SER A 48 18.12 -7.43 -11.44
C SER A 48 17.07 -6.32 -11.54
N MET A 49 17.55 -5.08 -11.70
CA MET A 49 16.67 -3.93 -11.87
C MET A 49 15.95 -3.93 -13.23
N MET A 50 16.63 -4.40 -14.27
CA MET A 50 16.01 -4.48 -15.61
C MET A 50 14.98 -5.59 -15.60
N VAL A 51 15.27 -6.66 -14.88
CA VAL A 51 14.33 -7.77 -14.77
C VAL A 51 13.09 -7.30 -13.97
N SER A 52 13.32 -6.53 -12.92
CA SER A 52 12.21 -6.05 -12.12
C SER A 52 11.35 -5.05 -12.94
N ALA A 53 12.00 -4.23 -13.77
CA ALA A 53 11.27 -3.29 -14.64
C ALA A 53 10.41 -4.07 -15.65
N LEU A 54 10.97 -5.15 -16.21
CA LEU A 54 10.22 -6.00 -17.17
C LEU A 54 8.99 -6.61 -16.48
N VAL A 55 9.17 -7.11 -15.26
CA VAL A 55 8.07 -7.68 -14.52
C VAL A 55 6.88 -6.72 -14.39
N VAL A 56 7.11 -5.48 -13.95
CA VAL A 56 6.00 -4.55 -13.75
C VAL A 56 5.49 -3.94 -15.06
N PHE A 57 6.33 -3.92 -16.08
CA PHE A 57 5.85 -3.43 -17.37
C PHE A 57 4.81 -4.46 -17.85
N ILE A 58 5.19 -5.74 -17.87
CA ILE A 58 4.29 -6.83 -18.29
C ILE A 58 3.00 -6.87 -17.44
N ALA A 59 3.12 -6.63 -16.13
CA ALA A 59 1.94 -6.63 -15.26
C ALA A 59 1.11 -5.37 -15.49
N GLY A 60 1.80 -4.26 -15.76
CA GLY A 60 1.08 -3.02 -16.03
C GLY A 60 0.20 -3.24 -17.25
N TYR A 61 0.80 -3.73 -18.32
CA TYR A 61 0.07 -4.01 -19.57
C TYR A 61 -1.10 -4.97 -19.37
N HIS A 62 -0.88 -6.09 -18.68
CA HIS A 62 -1.96 -7.01 -18.47
C HIS A 62 -3.10 -6.42 -17.63
N TYR A 63 -2.77 -5.64 -16.60
CA TYR A 63 -3.83 -5.04 -15.80
C TYR A 63 -4.57 -3.99 -16.61
N PHE A 64 -3.91 -3.43 -17.61
CA PHE A 64 -4.58 -2.45 -18.46
C PHE A 64 -5.66 -3.25 -19.22
N ARG A 65 -5.31 -4.44 -19.70
CA ARG A 65 -6.29 -5.28 -20.41
C ARG A 65 -7.40 -5.72 -19.46
N ILE A 66 -7.01 -6.09 -18.26
CA ILE A 66 -7.97 -6.53 -17.28
C ILE A 66 -8.97 -5.44 -16.90
N THR A 67 -8.48 -4.22 -16.70
CA THR A 67 -9.36 -3.10 -16.34
C THR A 67 -10.37 -2.89 -17.47
N SER A 68 -9.88 -2.85 -18.71
CA SER A 68 -10.71 -2.68 -19.92
C SER A 68 -11.79 -3.74 -19.98
N SER A 69 -11.38 -5.00 -19.89
CA SER A 69 -12.34 -6.10 -19.95
C SER A 69 -13.41 -6.01 -18.86
N TRP A 70 -13.03 -5.55 -17.67
CA TRP A 70 -13.99 -5.45 -16.57
C TRP A 70 -15.07 -4.40 -16.91
N GLU A 71 -14.61 -3.27 -17.41
CA GLU A 71 -15.48 -2.16 -17.79
C GLU A 71 -16.44 -2.54 -18.95
N ALA A 72 -15.92 -3.19 -19.97
CA ALA A 72 -16.76 -3.58 -21.10
C ALA A 72 -17.75 -4.68 -20.73
N ALA A 73 -17.53 -5.36 -19.61
CA ALA A 73 -18.42 -6.45 -19.18
C ALA A 73 -19.64 -5.99 -18.37
N TYR A 74 -19.74 -4.70 -18.11
CA TYR A 74 -20.85 -4.20 -17.31
C TYR A 74 -21.30 -2.84 -17.82
N ALA A 75 -22.55 -2.50 -17.52
CA ALA A 75 -23.13 -1.23 -17.92
C ALA A 75 -23.97 -0.75 -16.75
N LEU A 76 -23.90 0.53 -16.44
CA LEU A 76 -24.70 1.07 -15.34
C LEU A 76 -26.14 1.27 -15.84
N GLN A 77 -27.08 0.56 -15.22
CA GLN A 77 -28.49 0.66 -15.57
C GLN A 77 -29.34 0.68 -14.32
N ASN A 78 -29.91 1.83 -14.02
CA ASN A 78 -30.77 1.99 -12.86
C ASN A 78 -30.09 1.71 -11.53
N GLY A 79 -28.95 2.39 -11.31
CA GLY A 79 -28.22 2.22 -10.06
C GLY A 79 -27.66 0.84 -9.81
N MET A 80 -27.54 0.05 -10.88
CA MET A 80 -26.97 -1.30 -10.81
C MET A 80 -26.11 -1.55 -12.04
N TYR A 81 -25.03 -2.29 -11.85
CA TYR A 81 -24.15 -2.63 -12.96
C TYR A 81 -24.56 -3.99 -13.52
N GLN A 82 -25.18 -3.96 -14.70
CA GLN A 82 -25.66 -5.18 -15.34
C GLN A 82 -24.70 -5.73 -16.37
N PRO A 83 -24.58 -7.07 -16.43
CA PRO A 83 -23.68 -7.71 -17.40
C PRO A 83 -24.03 -7.23 -18.80
N THR A 84 -23.02 -6.94 -19.61
CA THR A 84 -23.24 -6.44 -20.98
C THR A 84 -23.23 -7.57 -22.01
N GLY A 85 -22.88 -8.78 -21.57
CA GLY A 85 -22.78 -9.88 -22.49
C GLY A 85 -21.31 -10.09 -22.80
N GLU A 86 -20.54 -9.00 -22.84
CA GLU A 86 -19.11 -9.10 -23.09
C GLU A 86 -18.51 -9.90 -21.93
N LEU A 87 -17.61 -10.82 -22.28
CA LEU A 87 -16.95 -11.69 -21.31
C LEU A 87 -15.81 -11.01 -20.54
N PHE A 88 -15.67 -11.34 -19.26
CA PHE A 88 -14.58 -10.76 -18.47
C PHE A 88 -13.48 -11.79 -18.58
N ASN A 89 -12.36 -11.41 -19.18
CA ASN A 89 -11.26 -12.36 -19.38
C ASN A 89 -10.32 -12.53 -18.18
N ASP A 90 -10.30 -13.73 -17.60
CA ASP A 90 -9.44 -14.05 -16.46
C ASP A 90 -8.08 -14.56 -16.92
N ALA A 91 -7.98 -14.89 -18.21
CA ALA A 91 -6.72 -15.41 -18.74
C ALA A 91 -5.57 -14.42 -18.70
N TYR A 92 -5.86 -13.12 -18.79
CA TYR A 92 -4.77 -12.13 -18.76
C TYR A 92 -3.88 -12.30 -17.53
N ARG A 93 -4.50 -12.53 -16.38
CA ARG A 93 -3.74 -12.68 -15.13
C ARG A 93 -2.94 -13.98 -15.16
N TYR A 94 -3.55 -15.04 -15.67
CA TYR A 94 -2.83 -16.31 -15.78
C TYR A 94 -1.61 -16.20 -16.70
N VAL A 95 -1.76 -15.55 -17.86
CA VAL A 95 -0.63 -15.34 -18.77
C VAL A 95 0.41 -14.41 -18.10
N ASP A 96 -0.06 -13.49 -17.29
CA ASP A 96 0.86 -12.61 -16.59
C ASP A 96 1.70 -13.47 -15.60
N TRP A 97 1.08 -14.43 -14.91
CA TRP A 97 1.85 -15.29 -13.99
C TRP A 97 2.92 -16.09 -14.73
N LEU A 98 2.55 -16.71 -15.84
CA LEU A 98 3.51 -17.52 -16.60
C LEU A 98 4.80 -16.77 -16.97
N LEU A 99 4.64 -15.53 -17.41
CA LEU A 99 5.76 -14.69 -17.82
C LEU A 99 6.51 -14.01 -16.65
N THR A 100 5.81 -13.62 -15.60
CA THR A 100 6.48 -12.91 -14.50
C THR A 100 7.05 -13.76 -13.36
N VAL A 101 6.42 -14.87 -12.99
CA VAL A 101 6.95 -15.68 -11.89
C VAL A 101 8.39 -16.17 -12.08
N PRO A 102 8.78 -16.55 -13.30
CA PRO A 102 10.16 -17.00 -13.45
C PRO A 102 11.14 -15.84 -13.20
N LEU A 103 10.78 -14.66 -13.70
CA LEU A 103 11.61 -13.48 -13.55
C LEU A 103 11.73 -13.08 -12.08
N LEU A 104 10.65 -13.28 -11.34
CA LEU A 104 10.68 -12.93 -9.93
C LEU A 104 11.75 -13.78 -9.24
N THR A 105 11.88 -15.06 -9.63
CA THR A 105 12.91 -15.88 -9.00
C THR A 105 14.32 -15.46 -9.44
N VAL A 106 14.48 -15.15 -10.73
CA VAL A 106 15.80 -14.73 -11.24
C VAL A 106 16.32 -13.46 -10.55
N GLU A 107 15.42 -12.51 -10.31
CA GLU A 107 15.69 -11.22 -9.64
C GLU A 107 16.36 -11.44 -8.29
N LEU A 108 15.75 -12.34 -7.52
CA LEU A 108 16.25 -12.65 -6.20
C LEU A 108 17.59 -13.36 -6.31
N VAL A 109 17.69 -14.33 -7.20
CA VAL A 109 18.95 -15.03 -7.36
C VAL A 109 20.09 -14.05 -7.64
N LEU A 110 19.85 -13.07 -8.52
CA LEU A 110 20.90 -12.11 -8.87
C LEU A 110 21.39 -11.17 -7.76
N VAL A 111 20.66 -11.05 -6.67
CA VAL A 111 21.12 -10.18 -5.58
C VAL A 111 21.49 -11.03 -4.36
N MET A 112 21.40 -12.35 -4.50
CA MET A 112 21.71 -13.29 -3.42
C MET A 112 23.15 -13.33 -2.91
N GLY A 113 24.11 -12.94 -3.76
CA GLY A 113 25.51 -12.94 -3.35
C GLY A 113 26.18 -14.31 -3.49
N LEU A 114 25.79 -15.06 -4.52
CA LEU A 114 26.33 -16.39 -4.78
C LEU A 114 27.56 -16.27 -5.66
N PRO A 115 28.45 -17.27 -5.61
CA PRO A 115 29.63 -17.18 -6.48
C PRO A 115 29.14 -17.32 -7.92
N LYS A 116 29.73 -16.56 -8.84
CA LYS A 116 29.29 -16.56 -10.23
C LYS A 116 29.18 -17.92 -10.94
N ASN A 117 29.67 -18.98 -10.35
CA ASN A 117 29.58 -20.29 -10.98
C ASN A 117 28.31 -21.01 -10.48
N GLU A 118 27.63 -20.38 -9.53
CA GLU A 118 26.40 -20.93 -8.96
C GLU A 118 25.16 -20.11 -9.33
N ARG A 119 25.39 -18.90 -9.84
CA ARG A 119 24.34 -17.96 -10.20
C ARG A 119 23.43 -18.37 -11.38
N GLY A 120 24.03 -18.64 -12.54
CA GLY A 120 23.24 -19.05 -13.70
C GLY A 120 22.51 -20.37 -13.47
N PRO A 121 23.16 -21.39 -12.88
CA PRO A 121 22.45 -22.65 -12.66
C PRO A 121 21.23 -22.51 -11.74
N LEU A 122 21.33 -21.71 -10.69
CA LEU A 122 20.20 -21.53 -9.77
C LEU A 122 19.08 -20.73 -10.44
N ALA A 123 19.42 -19.65 -11.15
CA ALA A 123 18.38 -18.85 -11.83
C ALA A 123 17.65 -19.74 -12.81
N ALA A 124 18.39 -20.58 -13.52
CA ALA A 124 17.79 -21.48 -14.51
C ALA A 124 16.85 -22.48 -13.90
N LYS A 125 17.29 -23.12 -12.82
CA LYS A 125 16.44 -24.12 -12.20
C LYS A 125 15.15 -23.53 -11.62
N LEU A 126 15.27 -22.44 -10.86
CA LEU A 126 14.11 -21.79 -10.23
C LEU A 126 13.19 -21.14 -11.27
N GLY A 127 13.80 -20.54 -12.29
CA GLY A 127 12.97 -19.92 -13.31
C GLY A 127 12.12 -20.98 -14.01
N PHE A 128 12.70 -22.13 -14.36
CA PHE A 128 11.91 -23.14 -15.06
C PHE A 128 10.93 -23.91 -14.16
N LEU A 129 11.26 -24.03 -12.87
CA LEU A 129 10.35 -24.68 -11.93
C LEU A 129 9.12 -23.77 -11.80
N ALA A 130 9.34 -22.46 -11.72
CA ALA A 130 8.24 -21.50 -11.58
C ALA A 130 7.34 -21.51 -12.83
N ALA A 131 7.95 -21.60 -14.00
CA ALA A 131 7.16 -21.64 -15.23
C ALA A 131 6.35 -22.93 -15.27
N LEU A 132 6.96 -24.06 -14.91
CA LEU A 132 6.26 -25.35 -14.92
C LEU A 132 5.09 -25.36 -13.92
N MET A 133 5.26 -24.68 -12.79
CA MET A 133 4.23 -24.59 -11.74
C MET A 133 2.98 -23.95 -12.33
N ILE A 134 3.19 -22.89 -13.11
CA ILE A 134 2.09 -22.19 -13.75
C ILE A 134 1.50 -23.05 -14.85
N VAL A 135 2.34 -23.70 -15.64
CA VAL A 135 1.84 -24.56 -16.71
C VAL A 135 0.94 -25.67 -16.14
N LEU A 136 1.40 -26.36 -15.10
CA LEU A 136 0.64 -27.44 -14.47
C LEU A 136 -0.65 -26.94 -13.83
N GLY A 137 -0.68 -25.68 -13.42
CA GLY A 137 -1.92 -25.18 -12.83
C GLY A 137 -3.01 -24.95 -13.86
N TYR A 138 -2.59 -24.68 -15.09
CA TYR A 138 -3.51 -24.38 -16.20
C TYR A 138 -4.76 -25.24 -16.30
N PRO A 139 -4.60 -26.55 -16.55
CA PRO A 139 -5.75 -27.44 -16.69
C PRO A 139 -6.72 -27.34 -15.49
N GLY A 140 -6.18 -27.12 -14.32
CA GLY A 140 -7.01 -27.02 -13.12
C GLY A 140 -7.82 -25.74 -13.07
N GLU A 141 -7.22 -24.63 -13.49
CA GLU A 141 -7.90 -23.35 -13.46
C GLU A 141 -9.01 -23.23 -14.50
N VAL A 142 -8.90 -23.94 -15.61
CA VAL A 142 -9.94 -23.86 -16.63
C VAL A 142 -10.96 -24.99 -16.42
N SER A 143 -10.74 -25.77 -15.36
CA SER A 143 -11.62 -26.89 -15.05
C SER A 143 -13.02 -26.43 -14.65
N GLU A 144 -14.03 -27.19 -15.10
CA GLU A 144 -15.43 -26.89 -14.79
C GLU A 144 -15.75 -27.34 -13.36
N ASN A 145 -15.28 -28.53 -13.02
CA ASN A 145 -15.52 -29.09 -11.69
C ASN A 145 -14.43 -28.73 -10.68
N ALA A 146 -14.85 -28.13 -9.57
CA ALA A 146 -13.93 -27.73 -8.51
C ALA A 146 -13.79 -28.78 -7.41
N ALA A 147 -13.71 -30.05 -7.78
CA ALA A 147 -13.58 -31.12 -6.80
C ALA A 147 -12.12 -31.44 -6.44
N LEU A 148 -11.86 -31.62 -5.16
CA LEU A 148 -10.52 -31.97 -4.71
C LEU A 148 -10.17 -33.30 -5.37
N PHE A 149 -11.12 -34.24 -5.34
CA PHE A 149 -10.90 -35.54 -5.97
C PHE A 149 -11.47 -35.45 -7.38
N GLY A 150 -10.76 -34.70 -8.21
CA GLY A 150 -11.17 -34.49 -9.59
C GLY A 150 -10.09 -33.67 -10.28
N THR A 151 -10.41 -33.14 -11.46
CA THR A 151 -9.45 -32.35 -12.24
C THR A 151 -8.73 -31.23 -11.47
N ARG A 152 -9.48 -30.43 -10.74
CA ARG A 152 -8.88 -29.31 -10.01
C ARG A 152 -7.87 -29.74 -8.95
N GLY A 153 -8.21 -30.76 -8.15
CA GLY A 153 -7.29 -31.26 -7.15
C GLY A 153 -6.09 -31.97 -7.78
N LEU A 154 -6.29 -32.63 -8.90
CA LEU A 154 -5.17 -33.34 -9.57
C LEU A 154 -4.10 -32.36 -10.05
N TRP A 155 -4.51 -31.37 -10.82
CA TRP A 155 -3.54 -30.40 -11.31
C TRP A 155 -3.01 -29.51 -10.20
N GLY A 156 -3.82 -29.24 -9.17
CA GLY A 156 -3.33 -28.42 -8.08
C GLY A 156 -2.20 -29.16 -7.37
N PHE A 157 -2.37 -30.47 -7.26
CA PHE A 157 -1.36 -31.32 -6.65
C PHE A 157 -0.09 -31.35 -7.51
N LEU A 158 -0.23 -31.63 -8.79
CA LEU A 158 0.95 -31.66 -9.66
C LEU A 158 1.67 -30.31 -9.64
N SER A 159 0.92 -29.21 -9.68
CA SER A 159 1.53 -27.87 -9.67
C SER A 159 2.23 -27.57 -8.33
N THR A 160 1.72 -28.10 -7.24
CA THR A 160 2.33 -27.89 -5.92
C THR A 160 3.73 -28.50 -5.86
N ILE A 161 3.99 -29.52 -6.67
CA ILE A 161 5.33 -30.15 -6.64
C ILE A 161 6.46 -29.12 -6.92
N PRO A 162 6.44 -28.43 -8.08
CA PRO A 162 7.48 -27.44 -8.39
C PRO A 162 7.47 -26.26 -7.43
N PHE A 163 6.31 -25.98 -6.87
CA PHE A 163 6.18 -24.89 -5.89
C PHE A 163 6.95 -25.22 -4.60
N VAL A 164 6.71 -26.38 -4.00
CA VAL A 164 7.40 -26.74 -2.76
C VAL A 164 8.89 -26.94 -3.04
N TRP A 165 9.18 -27.43 -4.24
CA TRP A 165 10.55 -27.64 -4.68
C TRP A 165 11.27 -26.28 -4.62
N ILE A 166 10.61 -25.23 -5.13
CA ILE A 166 11.19 -23.88 -5.11
C ILE A 166 11.35 -23.43 -3.64
N LEU A 167 10.31 -23.58 -2.84
CA LEU A 167 10.35 -23.16 -1.43
C LEU A 167 11.44 -23.92 -0.68
N TYR A 168 11.55 -25.20 -0.97
CA TYR A 168 12.55 -26.05 -0.33
C TYR A 168 13.96 -25.50 -0.60
N ILE A 169 14.24 -25.17 -1.85
CA ILE A 169 15.53 -24.64 -2.23
C ILE A 169 15.84 -23.30 -1.60
N LEU A 170 14.85 -22.40 -1.60
CA LEU A 170 15.06 -21.08 -1.03
C LEU A 170 15.27 -21.11 0.51
N PHE A 171 14.53 -21.97 1.20
CA PHE A 171 14.63 -22.04 2.67
C PHE A 171 15.61 -23.05 3.26
N THR A 172 16.03 -24.05 2.49
CA THR A 172 16.94 -25.03 3.08
C THR A 172 18.19 -25.32 2.26
N GLN A 173 18.32 -24.72 1.08
CA GLN A 173 19.50 -25.01 0.27
C GLN A 173 20.43 -23.82 0.02
N LEU A 174 20.14 -22.68 0.64
CA LEU A 174 20.95 -21.47 0.44
C LEU A 174 21.62 -20.91 1.71
N GLY A 175 21.21 -21.40 2.87
CA GLY A 175 21.77 -20.93 4.13
C GLY A 175 23.23 -20.47 4.10
N ASP A 176 24.10 -21.28 3.51
CA ASP A 176 25.51 -20.97 3.43
C ASP A 176 25.78 -19.58 2.81
N THR A 177 24.75 -18.99 2.21
CA THR A 177 24.88 -17.71 1.55
C THR A 177 24.25 -16.53 2.27
N ILE A 178 22.97 -16.64 2.61
CA ILE A 178 22.29 -15.55 3.29
C ILE A 178 23.02 -15.23 4.60
N GLN A 179 23.06 -16.21 5.50
CA GLN A 179 23.74 -16.03 6.78
C GLN A 179 25.14 -15.42 6.61
N ARG A 180 25.77 -15.76 5.48
CA ARG A 180 27.12 -15.29 5.15
C ARG A 180 27.18 -13.80 4.74
N GLN A 181 26.02 -13.15 4.72
CA GLN A 181 25.95 -11.73 4.35
C GLN A 181 25.93 -10.85 5.59
N SER A 182 26.17 -9.55 5.39
CA SER A 182 26.15 -8.59 6.49
C SER A 182 24.77 -8.73 7.12
N SER A 183 24.60 -8.16 8.30
CA SER A 183 23.31 -8.24 8.99
C SER A 183 22.20 -7.55 8.22
N ARG A 184 22.50 -6.37 7.70
CA ARG A 184 21.54 -5.60 6.93
C ARG A 184 21.04 -6.39 5.71
N VAL A 185 21.99 -6.86 4.90
CA VAL A 185 21.67 -7.63 3.69
C VAL A 185 20.97 -8.95 4.02
N SER A 186 21.49 -9.68 5.00
CA SER A 186 20.90 -10.96 5.39
C SER A 186 19.46 -10.72 5.79
N THR A 187 19.22 -9.63 6.51
CA THR A 187 17.88 -9.33 6.95
C THR A 187 16.98 -9.07 5.74
N LEU A 188 17.39 -8.13 4.88
CA LEU A 188 16.62 -7.82 3.67
C LEU A 188 16.35 -9.09 2.84
N LEU A 189 17.36 -9.92 2.63
CA LEU A 189 17.19 -11.14 1.87
C LEU A 189 16.19 -12.08 2.54
N GLY A 190 16.26 -12.17 3.86
CA GLY A 190 15.33 -13.02 4.59
C GLY A 190 13.91 -12.51 4.41
N ASN A 191 13.77 -11.18 4.42
CA ASN A 191 12.45 -10.57 4.27
C ASN A 191 11.85 -10.81 2.88
N ALA A 192 12.69 -10.79 1.83
CA ALA A 192 12.22 -11.00 0.45
C ALA A 192 11.74 -12.45 0.28
N ARG A 193 12.47 -13.38 0.88
CA ARG A 193 12.12 -14.80 0.80
C ARG A 193 10.79 -15.04 1.52
N LEU A 194 10.59 -14.33 2.62
CA LEU A 194 9.37 -14.45 3.42
C LEU A 194 8.18 -13.81 2.70
N LEU A 195 8.44 -12.70 2.02
CA LEU A 195 7.39 -12.02 1.29
C LEU A 195 6.97 -12.94 0.14
N LEU A 196 7.95 -13.59 -0.51
CA LEU A 196 7.63 -14.52 -1.58
C LEU A 196 6.72 -15.65 -1.03
N LEU A 197 7.11 -16.25 0.10
CA LEU A 197 6.29 -17.33 0.69
C LEU A 197 4.86 -16.91 0.97
N ALA A 198 4.70 -15.75 1.58
CA ALA A 198 3.38 -15.23 1.94
C ALA A 198 2.52 -14.89 0.73
N THR A 199 3.10 -14.15 -0.24
CA THR A 199 2.30 -13.77 -1.39
C THR A 199 2.07 -14.98 -2.29
N TRP A 200 3.13 -15.71 -2.62
CA TRP A 200 2.93 -16.88 -3.47
C TRP A 200 1.96 -17.86 -2.79
N GLY A 201 2.07 -17.99 -1.46
CA GLY A 201 1.17 -18.87 -0.72
C GLY A 201 -0.30 -18.53 -0.93
N PHE A 202 -0.62 -17.26 -1.14
CA PHE A 202 -2.02 -16.87 -1.37
C PHE A 202 -2.68 -17.59 -2.56
N TYR A 203 -1.94 -17.73 -3.65
CA TYR A 203 -2.51 -18.33 -4.85
C TYR A 203 -3.05 -19.77 -4.71
N PRO A 204 -2.24 -20.73 -4.20
CA PRO A 204 -2.87 -22.06 -4.10
C PRO A 204 -4.01 -22.07 -3.06
N ILE A 205 -3.95 -21.16 -2.10
CA ILE A 205 -5.01 -21.06 -1.10
C ILE A 205 -6.28 -20.61 -1.80
N ALA A 206 -6.19 -19.56 -2.62
CA ALA A 206 -7.39 -19.09 -3.34
C ALA A 206 -7.86 -20.16 -4.32
N TYR A 207 -6.92 -20.91 -4.87
CA TYR A 207 -7.24 -21.98 -5.82
C TYR A 207 -8.18 -23.00 -5.19
N MET A 208 -7.89 -23.31 -3.93
CA MET A 208 -8.65 -24.30 -3.16
C MET A 208 -9.96 -23.84 -2.58
N ILE A 209 -10.09 -22.54 -2.31
CA ILE A 209 -11.31 -22.02 -1.71
C ILE A 209 -12.56 -22.68 -2.30
N PRO A 210 -12.70 -22.68 -3.63
CA PRO A 210 -13.87 -23.31 -4.25
C PRO A 210 -14.02 -24.74 -3.73
N MET A 211 -12.91 -25.47 -3.73
CA MET A 211 -12.91 -26.85 -3.25
C MET A 211 -13.36 -26.81 -1.79
N PRO A 218 -19.14 -19.51 -3.39
CA PRO A 218 -20.16 -19.64 -4.45
C PRO A 218 -19.64 -19.14 -5.79
N SER A 219 -19.39 -20.09 -6.69
CA SER A 219 -18.86 -19.86 -8.04
C SER A 219 -18.92 -18.46 -8.62
N ASN A 220 -20.11 -17.89 -8.75
CA ASN A 220 -20.22 -16.57 -9.34
C ASN A 220 -21.23 -15.60 -8.74
N THR A 221 -21.19 -15.44 -7.43
CA THR A 221 -22.07 -14.48 -6.77
C THR A 221 -21.26 -13.19 -6.69
N PRO A 222 -21.91 -12.04 -6.52
CA PRO A 222 -21.15 -10.80 -6.45
C PRO A 222 -20.02 -10.85 -5.40
N GLY A 223 -20.34 -11.28 -4.18
CA GLY A 223 -19.33 -11.33 -3.13
C GLY A 223 -18.09 -12.15 -3.44
N THR A 224 -18.25 -13.25 -4.14
CA THR A 224 -17.10 -14.09 -4.48
C THR A 224 -16.20 -13.51 -5.59
N ILE A 225 -16.77 -12.83 -6.58
CA ILE A 225 -15.91 -12.29 -7.61
C ILE A 225 -15.15 -11.07 -7.07
N VAL A 226 -15.83 -10.24 -6.29
CA VAL A 226 -15.19 -9.07 -5.72
C VAL A 226 -14.02 -9.51 -4.86
N ALA A 227 -14.29 -10.41 -3.92
CA ALA A 227 -13.24 -10.91 -3.02
C ALA A 227 -12.05 -11.49 -3.73
N LEU A 228 -12.30 -12.31 -4.75
CA LEU A 228 -11.22 -12.93 -5.49
C LEU A 228 -10.41 -11.94 -6.32
N GLN A 229 -11.07 -11.06 -7.06
CA GLN A 229 -10.35 -10.07 -7.85
C GLN A 229 -9.52 -9.19 -6.91
N VAL A 230 -10.12 -8.70 -5.83
CA VAL A 230 -9.38 -7.84 -4.90
C VAL A 230 -8.20 -8.60 -4.25
N GLY A 231 -8.42 -9.84 -3.82
CA GLY A 231 -7.34 -10.64 -3.25
C GLY A 231 -6.20 -10.94 -4.24
N TYR A 232 -6.50 -11.34 -5.47
CA TYR A 232 -5.45 -11.62 -6.44
C TYR A 232 -4.68 -10.35 -6.79
N THR A 233 -5.38 -9.23 -6.88
CA THR A 233 -4.75 -7.96 -7.22
C THR A 233 -3.82 -7.45 -6.15
N ILE A 234 -4.21 -7.62 -4.89
CA ILE A 234 -3.36 -7.22 -3.77
C ILE A 234 -2.12 -8.11 -3.74
N ALA A 235 -2.31 -9.41 -3.98
CA ALA A 235 -1.20 -10.35 -3.99
C ALA A 235 -0.23 -10.04 -5.16
N ASP A 236 -0.77 -9.76 -6.35
CA ASP A 236 0.07 -9.44 -7.50
C ASP A 236 0.90 -8.17 -7.21
N VAL A 237 0.26 -7.12 -6.69
CA VAL A 237 0.97 -5.87 -6.40
C VAL A 237 2.14 -6.09 -5.45
N LEU A 238 1.87 -6.87 -4.40
CA LEU A 238 2.88 -7.17 -3.37
C LEU A 238 3.97 -8.12 -3.87
N ALA A 239 3.60 -9.13 -4.64
CA ALA A 239 4.58 -10.07 -5.15
C ALA A 239 5.49 -9.51 -6.25
N LYS A 240 5.07 -8.41 -6.89
CA LYS A 240 5.86 -7.83 -8.00
C LYS A 240 6.41 -6.42 -7.77
N ALA A 241 5.54 -5.46 -7.42
CA ALA A 241 5.99 -4.10 -7.16
C ALA A 241 6.61 -4.03 -5.76
N GLY A 242 5.89 -4.50 -4.75
CA GLY A 242 6.43 -4.47 -3.40
C GLY A 242 7.73 -5.26 -3.31
N TYR A 243 7.69 -6.47 -3.84
CA TYR A 243 8.85 -7.36 -3.85
C TYR A 243 10.01 -6.72 -4.61
N GLY A 244 9.70 -6.05 -5.74
CA GLY A 244 10.73 -5.41 -6.53
C GLY A 244 11.42 -4.33 -5.71
N VAL A 245 10.67 -3.62 -4.88
CA VAL A 245 11.27 -2.58 -4.06
C VAL A 245 12.28 -3.21 -3.07
N LEU A 246 11.96 -4.38 -2.54
CA LEU A 246 12.87 -5.07 -1.64
C LEU A 246 14.15 -5.48 -2.38
N ILE A 247 13.97 -6.00 -3.61
CA ILE A 247 15.11 -6.41 -4.42
C ILE A 247 16.03 -5.19 -4.66
N TYR A 248 15.41 -4.04 -4.94
CA TYR A 248 16.13 -2.81 -5.17
C TYR A 248 16.96 -2.41 -3.93
N ASN A 249 16.34 -2.46 -2.75
CA ASN A 249 17.05 -2.09 -1.53
C ASN A 249 18.18 -3.08 -1.24
N ILE A 250 18.06 -4.32 -1.69
CA ILE A 250 19.13 -5.29 -1.47
C ILE A 250 20.30 -4.94 -2.37
N ALA A 251 20.01 -4.72 -3.66
CA ALA A 251 21.07 -4.35 -4.61
C ALA A 251 21.78 -3.06 -4.15
N LYS A 252 21.00 -2.11 -3.63
CA LYS A 252 21.54 -0.83 -3.14
C LYS A 252 22.49 -1.00 -1.97
N ALA A 253 22.03 -1.72 -0.94
CA ALA A 253 22.81 -1.96 0.26
C ALA A 253 24.11 -2.68 -0.11
N LYS A 254 24.01 -3.68 -0.97
CA LYS A 254 25.19 -4.41 -1.41
C LYS A 254 26.14 -3.49 -2.15
N SER A 255 25.58 -2.65 -3.02
CA SER A 255 26.37 -1.71 -3.78
C SER A 255 27.16 -0.76 -2.88
N GLU A 256 26.50 -0.28 -1.81
CA GLU A 256 27.12 0.65 -0.88
C GLU A 256 28.22 -0.05 -0.10
N GLU A 257 27.99 -1.30 0.29
CA GLU A 257 29.00 -2.06 1.04
C GLU A 257 30.23 -2.23 0.17
N GLU A 258 30.01 -2.49 -1.11
CA GLU A 258 31.11 -2.69 -2.04
C GLU A 258 31.65 -1.33 -2.48
N GLY A 259 31.68 -0.42 -1.52
CA GLY A 259 32.17 0.93 -1.76
C GLY A 259 31.89 1.54 -3.10
N PHE A 260 30.79 1.16 -3.74
CA PHE A 260 30.48 1.72 -5.05
C PHE A 260 29.81 3.07 -4.93
N ASN A 261 29.99 3.90 -5.95
CA ASN A 261 29.44 5.24 -5.98
C ASN A 261 28.33 5.36 -7.02
N LEU B 5 22.74 10.92 13.14
CA LEU B 5 21.86 11.89 13.87
C LEU B 5 22.74 12.83 14.69
N PRO B 6 22.38 14.12 14.74
CA PRO B 6 23.19 15.08 15.51
C PRO B 6 22.97 14.99 17.02
N THR B 7 23.96 15.43 17.78
CA THR B 7 23.88 15.45 19.24
C THR B 7 22.77 16.43 19.59
N LEU B 8 21.95 16.08 20.59
CA LEU B 8 20.85 16.96 20.98
C LEU B 8 20.95 17.37 22.45
N THR B 9 20.48 18.58 22.74
CA THR B 9 20.48 19.03 24.13
C THR B 9 19.28 18.32 24.80
N PRO B 10 19.26 18.27 26.14
CA PRO B 10 18.14 17.60 26.82
C PRO B 10 16.80 18.23 26.41
N GLY B 11 16.81 19.53 26.23
CA GLY B 11 15.60 20.22 25.83
C GLY B 11 15.08 19.78 24.46
N GLN B 12 15.97 19.55 23.49
CA GLN B 12 15.54 19.16 22.14
C GLN B 12 15.11 17.71 22.13
N TYR B 13 15.85 16.86 22.83
CA TYR B 13 15.49 15.46 22.87
C TYR B 13 14.14 15.28 23.56
N SER B 14 13.95 15.99 24.66
CA SER B 14 12.71 15.88 25.46
C SER B 14 11.49 16.49 24.83
N LEU B 15 11.70 17.51 24.02
CA LEU B 15 10.58 18.14 23.34
C LEU B 15 9.99 17.09 22.43
N VAL B 16 10.85 16.44 21.67
CA VAL B 16 10.41 15.42 20.71
C VAL B 16 9.88 14.16 21.36
N PHE B 17 10.60 13.65 22.36
CA PHE B 17 10.16 12.43 23.05
C PHE B 17 8.78 12.59 23.71
N ASN B 18 8.55 13.71 24.39
CA ASN B 18 7.27 13.95 25.05
C ASN B 18 6.16 14.20 24.02
N MET B 19 6.51 14.85 22.91
CA MET B 19 5.57 15.10 21.82
C MET B 19 5.11 13.73 21.29
N PHE B 20 6.06 12.84 21.01
CA PHE B 20 5.75 11.51 20.52
C PHE B 20 4.92 10.74 21.58
N SER B 21 5.33 10.81 22.86
CA SER B 21 4.60 10.13 23.93
C SER B 21 3.19 10.65 24.07
N PHE B 22 3.04 11.97 23.98
CA PHE B 22 1.73 12.62 24.08
C PHE B 22 0.83 12.11 22.96
N THR B 23 1.42 11.90 21.77
CA THR B 23 0.67 11.42 20.59
C THR B 23 0.23 9.98 20.73
N VAL B 24 1.08 9.12 21.29
CA VAL B 24 0.68 7.73 21.50
C VAL B 24 -0.53 7.74 22.47
N ALA B 25 -0.46 8.54 23.52
CA ALA B 25 -1.58 8.61 24.49
C ALA B 25 -2.85 9.20 23.88
N THR B 26 -2.70 10.24 23.08
CA THR B 26 -3.85 10.87 22.43
C THR B 26 -4.52 9.94 21.41
N MET B 27 -3.73 9.22 20.62
CA MET B 27 -4.34 8.29 19.65
C MET B 27 -5.02 7.12 20.37
N THR B 28 -4.47 6.69 21.50
CA THR B 28 -5.07 5.59 22.26
C THR B 28 -6.38 6.08 22.83
N ALA B 29 -6.36 7.29 23.38
CA ALA B 29 -7.59 7.85 23.94
C ALA B 29 -8.68 8.00 22.88
N SER B 30 -8.33 8.51 21.70
CA SER B 30 -9.35 8.66 20.65
C SER B 30 -9.85 7.32 20.15
N PHE B 31 -8.99 6.30 20.17
CA PHE B 31 -9.41 4.95 19.75
C PHE B 31 -10.55 4.52 20.70
N VAL B 32 -10.31 4.63 22.00
CA VAL B 32 -11.34 4.24 22.98
C VAL B 32 -12.60 5.08 22.75
N PHE B 33 -12.40 6.38 22.56
CA PHE B 33 -13.50 7.30 22.33
C PHE B 33 -14.30 6.94 21.08
N PHE B 34 -13.63 6.73 19.94
CA PHE B 34 -14.35 6.40 18.71
C PHE B 34 -15.03 5.05 18.82
N VAL B 35 -14.38 4.07 19.46
CA VAL B 35 -14.98 2.75 19.64
C VAL B 35 -16.25 2.90 20.50
N LEU B 36 -16.14 3.60 21.63
CA LEU B 36 -17.30 3.83 22.51
C LEU B 36 -18.36 4.73 21.89
N ALA B 37 -17.97 5.57 20.92
CA ALA B 37 -18.90 6.49 20.28
C ALA B 37 -19.76 5.79 19.22
N ARG B 38 -19.32 4.58 18.89
CA ARG B 38 -19.98 3.71 17.93
C ARG B 38 -21.50 3.70 18.13
N ASN B 39 -21.93 3.59 19.39
CA ASN B 39 -23.34 3.51 19.72
C ASN B 39 -24.02 4.83 20.10
N ASN B 40 -23.34 5.96 19.86
CA ASN B 40 -23.91 7.27 20.12
C ASN B 40 -24.42 7.86 18.81
N VAL B 41 -24.27 7.13 17.72
CA VAL B 41 -24.75 7.59 16.43
C VAL B 41 -25.67 6.52 15.85
N ALA B 42 -26.49 6.92 14.88
CA ALA B 42 -27.43 6.00 14.26
C ALA B 42 -26.69 4.88 13.53
N PRO B 43 -27.23 3.66 13.59
CA PRO B 43 -26.61 2.51 12.91
C PRO B 43 -25.99 2.80 11.55
N LYS B 44 -26.66 3.60 10.75
CA LYS B 44 -26.15 3.93 9.43
C LYS B 44 -24.81 4.69 9.41
N TYR B 45 -24.41 5.26 10.54
CA TYR B 45 -23.13 5.97 10.60
C TYR B 45 -22.12 5.31 11.52
N ARG B 46 -22.38 4.09 11.97
CA ARG B 46 -21.42 3.45 12.85
C ARG B 46 -20.17 3.00 12.12
N ILE B 47 -20.29 2.78 10.81
CA ILE B 47 -19.16 2.38 9.99
C ILE B 47 -18.13 3.51 9.95
N SER B 48 -18.59 4.76 9.92
CA SER B 48 -17.63 5.87 9.86
C SER B 48 -16.86 5.94 11.17
N MET B 49 -17.50 5.56 12.29
CA MET B 49 -16.82 5.57 13.58
C MET B 49 -15.80 4.42 13.71
N MET B 50 -16.11 3.27 13.12
CA MET B 50 -15.21 2.11 13.16
C MET B 50 -13.97 2.42 12.34
N VAL B 51 -14.18 3.14 11.24
CA VAL B 51 -13.07 3.53 10.39
C VAL B 51 -12.20 4.55 11.14
N SER B 52 -12.82 5.52 11.79
CA SER B 52 -12.01 6.51 12.51
C SER B 52 -11.23 5.80 13.64
N ALA B 53 -11.85 4.80 14.26
CA ALA B 53 -11.17 4.05 15.34
C ALA B 53 -9.93 3.35 14.78
N LEU B 54 -10.11 2.71 13.62
CA LEU B 54 -9.01 2.01 12.95
C LEU B 54 -7.89 2.98 12.59
N VAL B 55 -8.24 4.16 12.04
CA VAL B 55 -7.22 5.15 11.72
C VAL B 55 -6.32 5.50 12.94
N VAL B 56 -6.92 5.80 14.08
CA VAL B 56 -6.12 6.18 15.26
C VAL B 56 -5.46 5.03 16.01
N PHE B 57 -5.92 3.79 15.78
CA PHE B 57 -5.31 2.61 16.38
C PHE B 57 -3.98 2.38 15.64
N ILE B 58 -4.06 2.41 14.31
CA ILE B 58 -2.87 2.22 13.47
C ILE B 58 -1.85 3.32 13.73
N ALA B 59 -2.34 4.55 13.90
CA ALA B 59 -1.46 5.68 14.19
C ALA B 59 -0.90 5.55 15.63
N GLY B 60 -1.71 5.11 16.57
CA GLY B 60 -1.19 4.93 17.92
C GLY B 60 -0.05 3.89 17.86
N TYR B 61 -0.31 2.77 17.19
CA TYR B 61 0.70 1.72 17.04
C TYR B 61 1.99 2.26 16.42
N HIS B 62 1.87 2.98 15.30
CA HIS B 62 3.06 3.51 14.67
C HIS B 62 3.82 4.54 15.49
N TYR B 63 3.11 5.37 16.25
CA TYR B 63 3.81 6.33 17.08
C TYR B 63 4.47 5.62 18.28
N PHE B 64 3.95 4.47 18.66
CA PHE B 64 4.58 3.72 19.75
C PHE B 64 5.94 3.26 19.17
N ARG B 65 5.94 2.84 17.90
CA ARG B 65 7.18 2.42 17.25
C ARG B 65 8.11 3.61 17.05
N ILE B 66 7.55 4.77 16.68
CA ILE B 66 8.37 5.95 16.46
C ILE B 66 9.02 6.40 17.76
N THR B 67 8.25 6.39 18.84
CA THR B 67 8.75 6.80 20.16
C THR B 67 9.90 5.88 20.61
N SER B 68 9.73 4.57 20.50
CA SER B 68 10.79 3.62 20.91
C SER B 68 12.04 3.84 20.07
N SER B 69 11.85 4.02 18.77
CA SER B 69 13.01 4.23 17.88
C SER B 69 13.78 5.49 18.23
N TRP B 70 13.07 6.53 18.62
CA TRP B 70 13.70 7.80 18.98
C TRP B 70 14.54 7.56 20.25
N GLU B 71 13.94 6.91 21.24
CA GLU B 71 14.61 6.60 22.49
C GLU B 71 15.84 5.71 22.25
N ALA B 72 15.69 4.63 21.48
CA ALA B 72 16.82 3.73 21.23
C ALA B 72 17.98 4.38 20.48
N ALA B 73 17.69 5.45 19.76
CA ALA B 73 18.70 6.14 18.96
C ALA B 73 19.58 7.11 19.74
N TYR B 74 19.27 7.33 21.01
CA TYR B 74 20.03 8.28 21.82
C TYR B 74 20.32 7.77 23.23
N ALA B 75 21.33 8.36 23.85
CA ALA B 75 21.73 8.00 25.20
C ALA B 75 22.15 9.29 25.86
N LEU B 76 21.83 9.44 27.14
CA LEU B 76 22.21 10.64 27.88
C LEU B 76 23.70 10.49 28.24
N GLN B 77 24.53 11.35 27.68
CA GLN B 77 25.96 11.29 27.96
C GLN B 77 26.58 12.65 28.18
N ASN B 78 26.86 12.95 29.44
CA ASN B 78 27.46 14.21 29.83
C ASN B 78 26.52 15.38 29.56
N GLY B 79 25.29 15.23 30.03
CA GLY B 79 24.29 16.29 29.87
C GLY B 79 23.88 16.56 28.44
N MET B 80 24.12 15.60 27.56
CA MET B 80 23.74 15.72 26.15
C MET B 80 23.25 14.37 25.67
N TYR B 81 22.42 14.38 24.63
CA TYR B 81 21.95 13.13 24.06
C TYR B 81 22.78 12.85 22.80
N GLN B 82 23.65 11.85 22.91
CA GLN B 82 24.54 11.46 21.82
C GLN B 82 23.95 10.30 21.04
N PRO B 83 24.16 10.29 19.71
CA PRO B 83 23.64 9.22 18.87
C PRO B 83 24.17 7.87 19.38
N THR B 84 23.35 6.83 19.39
CA THR B 84 23.78 5.52 19.86
C THR B 84 24.31 4.62 18.74
N GLY B 85 23.94 4.93 17.50
CA GLY B 85 24.36 4.10 16.38
C GLY B 85 23.11 3.47 15.79
N GLU B 86 22.09 3.25 16.62
CA GLU B 86 20.83 2.70 16.14
C GLU B 86 20.13 3.79 15.31
N LEU B 87 19.65 3.44 14.12
CA LEU B 87 18.99 4.42 13.26
C LEU B 87 17.59 4.79 13.77
N PHE B 88 17.13 5.97 13.38
CA PHE B 88 15.82 6.44 13.79
C PHE B 88 14.92 6.19 12.60
N ASN B 89 14.01 5.22 12.75
CA ASN B 89 13.13 4.84 11.66
C ASN B 89 12.09 5.88 11.26
N ASP B 90 12.27 6.43 10.07
CA ASP B 90 11.39 7.43 9.51
C ASP B 90 10.35 6.76 8.62
N ALA B 91 10.49 5.45 8.44
CA ALA B 91 9.57 4.70 7.61
C ALA B 91 8.22 4.47 8.27
N TYR B 92 8.18 4.39 9.59
CA TYR B 92 6.92 4.15 10.28
C TYR B 92 5.83 5.15 9.92
N ARG B 93 6.20 6.43 9.86
CA ARG B 93 5.23 7.47 9.53
C ARG B 93 4.75 7.31 8.07
N TYR B 94 5.66 6.98 7.16
CA TYR B 94 5.27 6.79 5.78
C TYR B 94 4.32 5.61 5.59
N VAL B 95 4.54 4.50 6.30
CA VAL B 95 3.63 3.35 6.19
C VAL B 95 2.30 3.69 6.87
N ASP B 96 2.35 4.53 7.89
CA ASP B 96 1.12 4.97 8.57
C ASP B 96 0.27 5.79 7.55
N TRP B 97 0.94 6.64 6.75
CA TRP B 97 0.22 7.44 5.75
C TRP B 97 -0.51 6.55 4.75
N LEU B 98 0.22 5.57 4.22
CA LEU B 98 -0.38 4.67 3.23
C LEU B 98 -1.63 3.96 3.71
N LEU B 99 -1.63 3.54 4.97
CA LEU B 99 -2.79 2.83 5.51
C LEU B 99 -3.92 3.77 5.94
N THR B 100 -3.58 4.95 6.47
CA THR B 100 -4.62 5.84 6.99
C THR B 100 -5.25 6.85 6.05
N VAL B 101 -4.46 7.45 5.14
CA VAL B 101 -5.03 8.45 4.25
C VAL B 101 -6.23 7.95 3.46
N PRO B 102 -6.22 6.67 3.02
CA PRO B 102 -7.42 6.26 2.28
C PRO B 102 -8.63 6.25 3.21
N LEU B 103 -8.45 5.75 4.44
CA LEU B 103 -9.53 5.67 5.40
C LEU B 103 -10.07 7.06 5.77
N LEU B 104 -9.20 8.05 5.83
CA LEU B 104 -9.66 9.39 6.16
C LEU B 104 -10.66 9.86 5.10
N THR B 105 -10.41 9.53 3.83
CA THR B 105 -11.38 9.96 2.81
C THR B 105 -12.68 9.19 2.94
N VAL B 106 -12.55 7.88 3.20
CA VAL B 106 -13.71 7.02 3.34
C VAL B 106 -14.65 7.48 4.45
N GLU B 107 -14.12 7.81 5.62
CA GLU B 107 -15.01 8.21 6.70
C GLU B 107 -15.78 9.52 6.42
N LEU B 108 -15.17 10.42 5.66
CA LEU B 108 -15.86 11.67 5.31
C LEU B 108 -16.99 11.30 4.33
N VAL B 109 -16.69 10.48 3.33
CA VAL B 109 -17.72 10.08 2.35
C VAL B 109 -18.93 9.52 3.07
N LEU B 110 -18.70 8.62 4.03
CA LEU B 110 -19.77 7.99 4.79
C LEU B 110 -20.69 8.91 5.59
N VAL B 111 -20.25 10.12 5.95
CA VAL B 111 -21.14 11.03 6.68
C VAL B 111 -21.62 12.15 5.77
N MET B 112 -21.28 12.07 4.48
CA MET B 112 -21.62 13.10 3.50
C MET B 112 -23.09 13.25 3.11
N GLY B 113 -23.92 12.27 3.44
CA GLY B 113 -25.32 12.36 3.09
C GLY B 113 -25.65 12.00 1.65
N LEU B 114 -24.70 11.35 0.96
CA LEU B 114 -24.90 10.94 -0.42
C LEU B 114 -25.82 9.73 -0.52
N PRO B 115 -26.46 9.54 -1.69
CA PRO B 115 -27.37 8.39 -1.87
C PRO B 115 -26.51 7.12 -1.82
N LYS B 116 -27.03 6.06 -1.21
CA LYS B 116 -26.30 4.78 -1.11
C LYS B 116 -25.64 4.34 -2.43
N ASN B 117 -26.34 4.54 -3.55
CA ASN B 117 -25.82 4.16 -4.85
C ASN B 117 -24.61 4.99 -5.26
N GLU B 118 -24.32 6.04 -4.50
CA GLU B 118 -23.18 6.91 -4.79
C GLU B 118 -22.06 6.85 -3.75
N ARG B 119 -22.38 6.41 -2.53
CA ARG B 119 -21.40 6.31 -1.44
C ARG B 119 -20.24 5.37 -1.77
N GLY B 120 -20.58 4.16 -2.20
CA GLY B 120 -19.57 3.17 -2.52
C GLY B 120 -18.63 3.63 -3.62
N PRO B 121 -19.14 4.12 -4.76
CA PRO B 121 -18.24 4.57 -5.83
C PRO B 121 -17.30 5.71 -5.40
N LEU B 122 -17.82 6.66 -4.64
CA LEU B 122 -17.00 7.79 -4.20
C LEU B 122 -15.94 7.37 -3.17
N ALA B 123 -16.31 6.49 -2.24
CA ALA B 123 -15.34 6.04 -1.24
C ALA B 123 -14.19 5.32 -1.95
N ALA B 124 -14.52 4.50 -2.94
CA ALA B 124 -13.50 3.75 -3.66
C ALA B 124 -12.61 4.66 -4.48
N LYS B 125 -13.21 5.63 -5.14
CA LYS B 125 -12.39 6.54 -5.94
C LYS B 125 -11.44 7.38 -5.08
N LEU B 126 -11.94 8.00 -4.02
CA LEU B 126 -11.08 8.81 -3.14
C LEU B 126 -10.05 7.96 -2.38
N GLY B 127 -10.47 6.79 -1.91
CA GLY B 127 -9.54 5.92 -1.19
C GLY B 127 -8.36 5.50 -2.05
N PHE B 128 -8.62 5.06 -3.27
CA PHE B 128 -7.52 4.65 -4.12
C PHE B 128 -6.64 5.80 -4.66
N LEU B 129 -7.22 7.00 -4.78
CA LEU B 129 -6.46 8.18 -5.22
C LEU B 129 -5.54 8.55 -4.05
N ALA B 130 -6.05 8.45 -2.83
CA ALA B 130 -5.21 8.77 -1.67
C ALA B 130 -4.04 7.79 -1.57
N ALA B 131 -4.34 6.51 -1.73
CA ALA B 131 -3.28 5.50 -1.64
C ALA B 131 -2.24 5.73 -2.73
N LEU B 132 -2.69 6.00 -3.95
CA LEU B 132 -1.76 6.23 -5.05
C LEU B 132 -0.88 7.45 -4.78
N MET B 133 -1.48 8.47 -4.15
CA MET B 133 -0.79 9.72 -3.82
C MET B 133 0.41 9.36 -2.97
N ILE B 134 0.19 8.47 -2.00
CA ILE B 134 1.25 8.06 -1.10
C ILE B 134 2.31 7.17 -1.78
N VAL B 135 1.85 6.25 -2.62
CA VAL B 135 2.73 5.38 -3.36
C VAL B 135 3.66 6.21 -4.26
N LEU B 136 3.12 7.20 -4.98
CA LEU B 136 3.95 8.04 -5.85
C LEU B 136 4.98 8.88 -5.08
N GLY B 137 4.65 9.29 -3.86
CA GLY B 137 5.60 10.06 -3.10
C GLY B 137 6.78 9.24 -2.61
N TYR B 138 6.59 7.92 -2.52
CA TYR B 138 7.64 7.05 -1.99
C TYR B 138 9.03 7.24 -2.57
N PRO B 139 9.18 7.07 -3.89
CA PRO B 139 10.52 7.25 -4.48
C PRO B 139 11.12 8.62 -4.18
N GLY B 140 10.25 9.63 -4.16
CA GLY B 140 10.72 10.97 -3.91
C GLY B 140 11.23 11.15 -2.50
N GLU B 141 10.50 10.60 -1.53
CA GLU B 141 10.85 10.72 -0.13
C GLU B 141 12.17 10.05 0.26
N VAL B 142 12.48 8.88 -0.30
CA VAL B 142 13.72 8.19 0.04
C VAL B 142 14.87 8.55 -0.91
N SER B 143 14.60 9.52 -1.77
CA SER B 143 15.57 9.99 -2.75
C SER B 143 16.79 10.62 -2.09
N GLU B 144 17.96 10.37 -2.65
CA GLU B 144 19.19 10.95 -2.12
C GLU B 144 19.21 12.42 -2.57
N ASN B 145 18.90 12.64 -3.84
CA ASN B 145 18.87 13.96 -4.45
C ASN B 145 17.61 14.78 -4.10
N ALA B 146 17.80 15.91 -3.43
CA ALA B 146 16.69 16.77 -3.03
C ALA B 146 16.40 17.90 -4.01
N ALA B 147 16.76 17.72 -5.26
CA ALA B 147 16.55 18.77 -6.26
C ALA B 147 15.14 18.79 -6.84
N LEU B 148 14.64 20.01 -7.03
CA LEU B 148 13.32 20.23 -7.60
C LEU B 148 13.31 19.74 -9.04
N PHE B 149 14.34 20.09 -9.79
CA PHE B 149 14.42 19.63 -11.17
C PHE B 149 15.21 18.34 -11.12
N GLY B 150 14.57 17.31 -10.58
CA GLY B 150 15.22 16.02 -10.47
C GLY B 150 14.28 15.00 -9.83
N THR B 151 14.86 13.93 -9.27
CA THR B 151 14.11 12.86 -8.64
C THR B 151 13.06 13.30 -7.63
N ARG B 152 13.44 14.12 -6.65
CA ARG B 152 12.49 14.58 -5.66
C ARG B 152 11.36 15.41 -6.28
N GLY B 153 11.72 16.33 -7.18
CA GLY B 153 10.71 17.15 -7.83
C GLY B 153 9.79 16.37 -8.78
N LEU B 154 10.33 15.36 -9.44
CA LEU B 154 9.50 14.57 -10.37
C LEU B 154 8.39 13.80 -9.62
N TRP B 155 8.80 12.99 -8.64
CA TRP B 155 7.82 12.22 -7.87
C TRP B 155 6.88 13.09 -7.04
N GLY B 156 7.34 14.28 -6.67
CA GLY B 156 6.51 15.21 -5.92
C GLY B 156 5.44 15.71 -6.87
N PHE B 157 5.83 16.00 -8.11
CA PHE B 157 4.84 16.44 -9.10
C PHE B 157 3.87 15.30 -9.41
N LEU B 158 4.39 14.10 -9.63
CA LEU B 158 3.50 12.97 -9.95
C LEU B 158 2.50 12.71 -8.81
N SER B 159 2.99 12.73 -7.57
CA SER B 159 2.13 12.49 -6.41
C SER B 159 1.03 13.56 -6.28
N THR B 160 1.37 14.78 -6.65
CA THR B 160 0.43 15.91 -6.59
C THR B 160 -0.79 15.70 -7.47
N ILE B 161 -0.62 14.96 -8.58
CA ILE B 161 -1.76 14.72 -9.49
C ILE B 161 -2.97 14.12 -8.77
N PRO B 162 -2.83 12.95 -8.10
CA PRO B 162 -4.02 12.41 -7.42
C PRO B 162 -4.49 13.31 -6.27
N PHE B 163 -3.56 14.01 -5.65
CA PHE B 163 -3.91 14.92 -4.55
C PHE B 163 -4.84 16.04 -5.09
N VAL B 164 -4.47 16.68 -6.20
CA VAL B 164 -5.35 17.74 -6.71
C VAL B 164 -6.69 17.16 -7.13
N TRP B 165 -6.68 15.90 -7.56
CA TRP B 165 -7.91 15.23 -7.94
C TRP B 165 -8.78 15.10 -6.69
N ILE B 166 -8.16 14.72 -5.57
CA ILE B 166 -8.95 14.58 -4.35
C ILE B 166 -9.57 15.96 -3.99
N LEU B 167 -8.78 17.03 -4.02
CA LEU B 167 -9.28 18.37 -3.69
C LEU B 167 -10.39 18.79 -4.67
N TYR B 168 -10.19 18.50 -5.95
CA TYR B 168 -11.21 18.83 -6.93
C TYR B 168 -12.54 18.19 -6.52
N ILE B 169 -12.54 16.87 -6.31
CA ILE B 169 -13.75 16.15 -5.92
C ILE B 169 -14.43 16.69 -4.66
N LEU B 170 -13.64 16.94 -3.62
CA LEU B 170 -14.21 17.44 -2.37
C LEU B 170 -14.74 18.88 -2.46
N PHE B 171 -14.01 19.76 -3.12
CA PHE B 171 -14.43 21.16 -3.18
C PHE B 171 -15.41 21.48 -4.29
N THR B 172 -15.26 20.86 -5.45
CA THR B 172 -16.16 21.17 -6.54
C THR B 172 -17.28 20.15 -6.74
N GLN B 173 -16.93 18.87 -6.84
CA GLN B 173 -17.93 17.86 -7.07
C GLN B 173 -18.91 17.57 -5.92
N LEU B 174 -18.54 17.91 -4.69
CA LEU B 174 -19.41 17.64 -3.55
C LEU B 174 -19.95 18.94 -2.95
N GLY B 175 -19.56 20.06 -3.54
CA GLY B 175 -20.01 21.34 -3.07
C GLY B 175 -21.52 21.48 -2.92
N ASP B 176 -22.27 20.87 -3.84
CA ASP B 176 -23.71 20.95 -3.78
C ASP B 176 -24.29 19.95 -2.79
N THR B 177 -23.68 18.77 -2.71
CA THR B 177 -24.14 17.76 -1.78
C THR B 177 -24.05 18.36 -0.38
N ILE B 178 -23.01 19.15 -0.13
CA ILE B 178 -22.81 19.77 1.16
C ILE B 178 -23.76 20.94 1.44
N GLN B 179 -24.05 21.74 0.42
CA GLN B 179 -24.96 22.87 0.59
C GLN B 179 -26.40 22.43 0.81
N ARG B 180 -26.67 21.18 0.46
CA ARG B 180 -28.01 20.61 0.59
C ARG B 180 -28.35 20.29 2.05
N GLN B 181 -27.32 20.08 2.88
CA GLN B 181 -27.54 19.73 4.29
C GLN B 181 -28.06 20.88 5.14
N SER B 182 -28.53 20.54 6.32
CA SER B 182 -29.02 21.54 7.24
C SER B 182 -27.88 22.51 7.47
N SER B 183 -28.19 23.62 8.10
CA SER B 183 -27.20 24.65 8.38
C SER B 183 -26.00 24.17 9.20
N ARG B 184 -26.27 23.44 10.28
CA ARG B 184 -25.21 22.95 11.14
C ARG B 184 -24.34 21.85 10.53
N VAL B 185 -24.98 20.91 9.86
CA VAL B 185 -24.25 19.82 9.23
C VAL B 185 -23.40 20.39 8.09
N SER B 186 -24.00 21.27 7.30
CA SER B 186 -23.34 21.92 6.19
C SER B 186 -22.05 22.60 6.64
N THR B 187 -22.12 23.20 7.82
CA THR B 187 -20.99 23.91 8.41
C THR B 187 -19.91 22.93 8.91
N LEU B 188 -20.31 21.85 9.58
CA LEU B 188 -19.34 20.88 10.08
C LEU B 188 -18.60 20.20 8.91
N LEU B 189 -19.35 19.83 7.86
CA LEU B 189 -18.74 19.21 6.69
C LEU B 189 -17.78 20.21 6.02
N GLY B 190 -18.18 21.48 5.99
CA GLY B 190 -17.32 22.50 5.41
C GLY B 190 -16.04 22.58 6.21
N ASN B 191 -16.15 22.54 7.53
CA ASN B 191 -14.96 22.63 8.36
C ASN B 191 -14.06 21.39 8.24
N ALA B 192 -14.66 20.22 8.03
CA ALA B 192 -13.86 19.00 7.92
C ALA B 192 -13.05 19.04 6.62
N ARG B 193 -13.68 19.51 5.56
CA ARG B 193 -13.04 19.63 4.24
C ARG B 193 -11.87 20.62 4.35
N LEU B 194 -12.09 21.69 5.09
CA LEU B 194 -11.09 22.73 5.29
C LEU B 194 -9.90 22.23 6.10
N LEU B 195 -10.21 21.50 7.18
CA LEU B 195 -9.17 20.94 8.04
C LEU B 195 -8.31 20.00 7.19
N LEU B 196 -8.96 19.23 6.32
CA LEU B 196 -8.22 18.30 5.45
C LEU B 196 -7.26 19.07 4.55
N LEU B 197 -7.74 20.09 3.85
CA LEU B 197 -6.88 20.89 2.96
C LEU B 197 -5.65 21.45 3.69
N ALA B 198 -5.90 22.10 4.82
CA ALA B 198 -4.85 22.69 5.63
C ALA B 198 -3.85 21.67 6.18
N THR B 199 -4.32 20.58 6.78
CA THR B 199 -3.37 19.60 7.33
C THR B 199 -2.68 18.81 6.21
N TRP B 200 -3.45 18.30 5.24
CA TRP B 200 -2.84 17.57 4.15
C TRP B 200 -1.86 18.47 3.37
N GLY B 201 -2.21 19.74 3.25
CA GLY B 201 -1.35 20.71 2.57
C GLY B 201 0.03 20.81 3.19
N PHE B 202 0.11 20.60 4.51
CA PHE B 202 1.41 20.66 5.18
C PHE B 202 2.45 19.69 4.62
N TYR B 203 2.06 18.44 4.33
CA TYR B 203 3.04 17.45 3.86
C TYR B 203 3.78 17.80 2.55
N PRO B 204 3.05 18.23 1.50
CA PRO B 204 3.83 18.56 0.30
C PRO B 204 4.73 19.80 0.51
N ILE B 205 4.31 20.72 1.39
CA ILE B 205 5.13 21.91 1.70
C ILE B 205 6.41 21.45 2.41
N ALA B 206 6.27 20.59 3.41
CA ALA B 206 7.45 20.10 4.13
C ALA B 206 8.34 19.27 3.20
N TYR B 207 7.72 18.59 2.25
CA TYR B 207 8.45 17.79 1.29
C TYR B 207 9.35 18.67 0.42
N MET B 208 8.88 19.87 0.10
CA MET B 208 9.64 20.78 -0.74
C MET B 208 10.70 21.61 -0.03
N ILE B 209 10.49 21.83 1.27
CA ILE B 209 11.39 22.63 2.07
C ILE B 209 12.85 22.39 1.76
N PRO B 210 13.30 21.13 1.84
CA PRO B 210 14.69 20.80 1.56
C PRO B 210 15.11 21.01 0.11
N MET B 211 14.17 21.36 -0.76
CA MET B 211 14.55 21.51 -2.14
C MET B 211 14.60 22.90 -2.76
N ALA B 212 15.29 22.93 -3.89
CA ALA B 212 15.50 24.10 -4.70
C ALA B 212 16.31 23.58 -5.89
N ASN B 220 20.63 17.72 8.53
CA ASN B 220 20.43 16.94 9.74
C ASN B 220 20.96 17.64 11.00
N THR B 221 20.70 18.93 11.13
CA THR B 221 21.14 19.66 12.31
C THR B 221 20.05 19.48 13.39
N PRO B 222 20.39 19.71 14.67
CA PRO B 222 19.40 19.55 15.74
C PRO B 222 18.10 20.31 15.47
N GLY B 223 18.22 21.58 15.10
CA GLY B 223 17.05 22.42 14.85
C GLY B 223 16.12 21.89 13.76
N THR B 224 16.71 21.31 12.71
CA THR B 224 15.92 20.79 11.61
C THR B 224 15.18 19.48 11.94
N ILE B 225 15.83 18.58 12.67
CA ILE B 225 15.15 17.33 12.99
C ILE B 225 14.01 17.58 13.97
N VAL B 226 14.24 18.44 14.94
CA VAL B 226 13.24 18.78 15.93
C VAL B 226 12.05 19.44 15.25
N ALA B 227 12.32 20.43 14.41
CA ALA B 227 11.24 21.14 13.70
C ALA B 227 10.45 20.25 12.75
N LEU B 228 11.12 19.30 12.09
CA LEU B 228 10.39 18.42 11.19
C LEU B 228 9.47 17.45 11.95
N GLN B 229 10.02 16.78 12.97
CA GLN B 229 9.24 15.82 13.72
C GLN B 229 8.06 16.51 14.39
N VAL B 230 8.27 17.72 14.90
CA VAL B 230 7.20 18.45 15.54
C VAL B 230 6.10 18.86 14.57
N GLY B 231 6.49 19.30 13.38
CA GLY B 231 5.51 19.69 12.36
C GLY B 231 4.73 18.47 11.87
N TYR B 232 5.42 17.40 11.50
CA TYR B 232 4.70 16.19 11.06
C TYR B 232 3.76 15.65 12.16
N THR B 233 4.16 15.78 13.43
CA THR B 233 3.34 15.23 14.50
C THR B 233 2.08 16.03 14.76
N ILE B 234 2.15 17.33 14.58
CA ILE B 234 1.00 18.19 14.78
C ILE B 234 0.04 17.93 13.62
N ALA B 235 0.59 17.83 12.40
CA ALA B 235 -0.24 17.58 11.21
C ALA B 235 -0.98 16.24 11.36
N ASP B 236 -0.25 15.17 11.69
CA ASP B 236 -0.85 13.84 11.87
C ASP B 236 -1.95 13.85 12.93
N VAL B 237 -1.70 14.49 14.06
CA VAL B 237 -2.68 14.52 15.14
C VAL B 237 -3.94 15.27 14.73
N LEU B 238 -3.79 16.39 14.03
CA LEU B 238 -4.95 17.15 13.58
C LEU B 238 -5.68 16.46 12.40
N ALA B 239 -4.93 15.86 11.50
CA ALA B 239 -5.52 15.19 10.33
C ALA B 239 -6.27 13.90 10.65
N LYS B 240 -5.98 13.31 11.80
CA LYS B 240 -6.60 12.04 12.20
C LYS B 240 -7.47 12.07 13.45
N ALA B 241 -6.92 12.53 14.57
CA ALA B 241 -7.71 12.59 15.80
C ALA B 241 -8.66 13.80 15.81
N GLY B 242 -8.12 14.99 15.52
CA GLY B 242 -8.97 16.17 15.50
C GLY B 242 -10.02 16.03 14.41
N TYR B 243 -9.60 15.58 13.25
CA TYR B 243 -10.49 15.35 12.10
C TYR B 243 -11.53 14.29 12.50
N GLY B 244 -11.08 13.25 13.19
CA GLY B 244 -12.01 12.20 13.61
C GLY B 244 -13.11 12.78 14.47
N VAL B 245 -12.77 13.72 15.36
CA VAL B 245 -13.79 14.32 16.21
C VAL B 245 -14.84 15.09 15.40
N LEU B 246 -14.39 15.75 14.32
CA LEU B 246 -15.32 16.49 13.48
C LEU B 246 -16.23 15.49 12.76
N ILE B 247 -15.66 14.36 12.37
CA ILE B 247 -16.43 13.31 11.68
C ILE B 247 -17.52 12.81 12.64
N TYR B 248 -17.14 12.59 13.90
CA TYR B 248 -18.08 12.12 14.91
C TYR B 248 -19.23 13.13 15.10
N ASN B 249 -18.91 14.42 15.19
CA ASN B 249 -19.95 15.41 15.38
C ASN B 249 -20.91 15.49 14.20
N ILE B 250 -20.42 15.23 12.99
CA ILE B 250 -21.28 15.24 11.81
C ILE B 250 -22.22 14.02 11.90
N ALA B 251 -21.68 12.85 12.22
CA ALA B 251 -22.51 11.65 12.33
C ALA B 251 -23.57 11.87 13.43
N LYS B 252 -23.16 12.50 14.52
CA LYS B 252 -24.06 12.77 15.64
C LYS B 252 -25.13 13.81 15.31
N ALA B 253 -24.75 14.91 14.65
CA ALA B 253 -25.74 15.91 14.28
C ALA B 253 -26.76 15.33 13.28
N LYS B 254 -26.30 14.51 12.35
CA LYS B 254 -27.22 13.90 11.38
C LYS B 254 -28.14 12.88 12.06
N SER B 255 -27.58 12.06 12.94
CA SER B 255 -28.39 11.09 13.64
C SER B 255 -29.56 11.78 14.34
N GLU B 256 -29.25 12.82 15.11
CA GLU B 256 -30.25 13.59 15.85
C GLU B 256 -31.33 14.21 14.95
N GLU B 257 -30.94 14.83 13.84
CA GLU B 257 -31.92 15.43 12.92
C GLU B 257 -32.90 14.38 12.41
N GLU B 258 -32.38 13.18 12.20
CA GLU B 258 -33.19 12.08 11.69
C GLU B 258 -33.88 11.34 12.83
N GLY B 259 -34.32 12.09 13.83
CA GLY B 259 -35.02 11.54 14.97
C GLY B 259 -34.51 10.23 15.55
N PHE B 260 -33.23 9.92 15.36
CA PHE B 260 -32.70 8.66 15.89
C PHE B 260 -32.39 8.74 17.38
N ASN B 261 -32.53 7.62 18.08
CA ASN B 261 -32.27 7.55 19.51
C ASN B 261 -31.07 6.64 19.76
O37 SXN C . 8.32 -6.42 6.51
C22 SXN C . 8.86 -6.73 5.45
C23 SXN C . 8.68 -8.16 4.89
C24 SXN C . 7.19 -8.46 4.65
C25 SXN C . 6.91 -9.95 4.83
C26 SXN C . 5.63 -10.16 5.63
C27 SXN C . 4.62 -10.97 4.83
C28 SXN C . 3.26 -10.94 5.53
C29 SXN C . 2.13 -10.98 4.50
C30 SXN C . 0.81 -11.37 5.19
C31 SXN C . 0.48 -12.84 4.90
C32 SXN C . -0.76 -12.94 4.00
C33 SXN C . -1.43 -14.29 4.21
C34 SXN C . -1.84 -14.89 2.86
C38 SXN C . -0.99 -16.11 2.56
C35 SXN C . -3.31 -15.29 2.91
O6' SXN C . 9.71 -5.75 4.72
C6'A SXN C . 10.12 -4.50 5.33
C5'A SXN C . 11.41 -4.68 6.15
C4'A SXN C . 12.53 -3.67 5.72
O4' SXN C . 11.94 -2.46 5.23
C3'A SXN C . 13.48 -3.32 6.91
O3' SXN C . 14.78 -2.98 6.39
C2'A SXN C . 13.61 -4.48 7.95
O2' SXN C . 14.52 -4.11 8.99
O5' SXN C . 11.14 -4.55 7.59
C1'A SXN C . 12.20 -4.78 8.58
O1' SXN C . 12.14 -6.21 9.05
C1' SXN C . 11.59 -6.61 10.37
C17' SXN C . 12.64 -6.27 11.45
C16' SXN C . 10.30 -5.81 10.68
C2' SXN C . 11.33 -8.22 10.33
O36 SXN C . 12.27 -8.94 11.13
C3' SXN C . 9.85 -8.66 10.69
C4' SXN C . 9.24 -9.72 9.96
C5' SXN C . 7.90 -10.19 10.20
C18' SXN C . 7.01 -9.59 11.28
C6' SXN C . 7.42 -11.26 9.36
C7' SXN C . 6.13 -11.85 9.43
C8' SXN C . 5.85 -12.90 8.51
C9' SXN C . 4.61 -13.60 8.37
C19' SXN C . 3.40 -13.28 9.23
C10' SXN C . 4.54 -14.61 7.34
C11' SXN C . 3.39 -15.37 7.04
C12' SXN C . 3.47 -16.35 6.01
C13' SXN C . 2.35 -17.15 5.60
C20' SXN C . 0.98 -16.97 6.26
C14' SXN C . 2.55 -18.12 4.57
C15' SXN C . 1.53 -18.96 4.08
C15 SXN C . 1.83 -19.90 3.09
C14 SXN C . 0.83 -20.77 2.61
C13 SXN C . 1.09 -21.76 1.62
C20 SXN C . 2.49 -21.94 1.04
C12 SXN C . 0.02 -22.59 1.21
C11 SXN C . 0.17 -23.61 0.26
C10 SXN C . -0.92 -24.41 -0.12
C9 SXN C . -0.78 -25.45 -1.08
C19 SXN C . 0.58 -25.72 -1.72
C8 SXN C . -1.91 -26.23 -1.44
C7 SXN C . -1.80 -27.27 -2.40
C6 SXN C . -2.89 -28.09 -2.81
C1 SXN C . -3.01 -29.53 -2.18
C17 SXN C . -3.70 -29.45 -0.80
C16 SXN C . -1.61 -30.16 -1.99
C5 SXN C . -3.80 -27.65 -3.81
C18 SXN C . -3.65 -26.26 -4.43
C4 SXN C . -4.79 -28.49 -4.29
O21 SXN C . -5.48 -28.16 -5.25
C3 SXN C . -5.10 -29.83 -3.62
C2 SXN C . -3.80 -30.50 -3.12
C7 UNL D . -7.17 -3.24 -1.74
C6 UNL D . -7.84 -2.83 -0.43
C5 UNL D . -9.35 -2.92 -0.59
C4 UNL D . -10.01 -3.19 0.76
C3 UNL D . -11.50 -2.88 0.63
C2 UNL D . -12.29 -3.95 1.37
C1 UNL D . -13.58 -3.34 1.95
C7 UNL E . -1.03 -22.97 -21.11
C6 UNL E . -0.45 -24.33 -20.72
C5 UNL E . -0.38 -25.23 -21.95
C4 UNL E . 0.28 -26.57 -21.59
C3 UNL E . -0.77 -27.58 -21.15
C2 UNL E . -0.09 -28.79 -20.50
C1 UNL E . -0.81 -29.16 -19.20
C9 UNL F . 2.11 8.14 -17.01
C8 UNL F . 3.62 7.90 -17.14
C7 UNL F . 4.38 9.05 -16.49
C6 UNL F . 5.84 9.07 -17.00
C5 UNL F . 6.71 9.93 -16.09
C4 UNL F . 8.13 9.36 -16.05
C3 UNL F . 9.14 10.50 -16.08
C2 UNL F . 10.42 10.03 -16.78
C1 UNL F . 11.62 10.30 -15.89
C7 UNL G . -10.47 6.25 -14.22
C6 UNL G . -9.24 6.48 -13.34
C5 UNL G . -9.56 6.13 -11.88
C4 UNL G . -8.60 6.86 -10.91
C3 UNL G . -7.14 6.43 -11.20
C2 UNL G . -6.35 6.30 -9.90
C1 UNL G . -6.28 4.85 -9.49
C12 UNL H . -13.68 -8.10 -0.17
C11 UNL H . -12.37 -8.19 0.60
C10 UNL H . -11.33 -8.97 -0.20
C9 UNL H . -10.07 -9.16 0.63
C8 UNL H . -9.28 -10.37 0.11
C7 UNL H . -8.63 -11.10 1.28
C6 UNL H . -7.33 -11.76 0.84
C5 UNL H . -6.14 -10.80 1.02
C4 UNL H . -4.84 -11.58 0.86
C3 UNL H . -3.63 -10.64 0.87
C2 UNL H . -2.47 -11.31 0.13
C1 UNL H . -1.16 -10.91 0.78
C7 UNL I . 11.46 -24.75 5.82
C6 UNL I . 11.25 -25.17 4.36
C5 UNL I . 9.76 -25.23 4.04
C4 UNL I . 9.57 -25.56 2.56
C3 UNL I . 8.80 -26.86 2.42
C2 UNL I . 9.76 -28.02 2.22
C1 UNL I . 9.13 -29.33 2.68
C7 UNL J . 6.11 -5.12 1.01
C6 UNL J . 6.93 -4.18 0.13
C5 UNL J . 8.33 -4.06 0.70
C4 UNL J . 8.63 -2.59 1.03
C3 UNL J . 9.93 -2.49 1.84
C2 UNL J . 10.49 -1.07 1.74
C1 UNL J . 11.89 -1.00 2.36
C6 UNL K . 15.04 -31.04 -3.81
C5 UNL K . 13.83 -31.82 -4.30
C4 UNL K . 12.55 -31.23 -3.70
C3 UNL K . 11.34 -31.91 -4.33
C2 UNL K . 10.13 -31.75 -3.41
C1 UNL K . 8.86 -32.10 -4.19
C1 RET L . -1.59 -22.48 -8.89
C2 RET L . -2.39 -23.79 -8.94
C3 RET L . -2.40 -24.59 -7.67
C4 RET L . -1.02 -24.87 -7.15
C5 RET L . -0.08 -23.66 -7.12
C6 RET L . -0.37 -22.53 -7.87
C7 RET L . 0.55 -21.40 -7.61
C8 RET L . 0.60 -20.15 -8.13
C9 RET L . 1.53 -19.09 -7.76
C10 RET L . 1.32 -17.92 -8.46
C11 RET L . 2.15 -16.72 -8.20
C12 RET L . 1.84 -15.60 -8.97
C13 RET L . 2.58 -14.34 -8.81
C14 RET L . 2.14 -13.36 -9.66
C15 RET L . 2.67 -12.00 -9.73
C16 RET L . -1.08 -22.17 -10.36
C17 RET L . -2.72 -21.41 -8.48
C18 RET L . 1.02 -23.89 -6.14
C19 RET L . 2.59 -19.30 -6.70
C20 RET L . 3.67 -14.17 -7.78
O37 SXN M . -12.46 25.55 13.22
C22 SXN M . -12.67 24.44 12.73
C23 SXN M . -12.15 24.11 11.34
C24 SXN M . -10.63 23.93 11.37
C25 SXN M . -10.01 24.47 10.08
C26 SXN M . -8.94 25.50 10.43
C27 SXN M . -7.72 25.32 9.54
C28 SXN M . -6.51 26.04 10.14
C29 SXN M . -5.29 25.13 10.16
C30 SXN M . -4.01 25.94 10.08
C31 SXN M . -3.31 25.69 8.74
C32 SXN M . -1.85 25.33 8.96
C33 SXN M . -1.01 25.81 7.76
C34 SXN M . -0.15 24.66 7.21
C38 SXN M . -0.61 24.31 5.80
C35 SXN M . 1.31 25.11 7.16
O6' SXN M . -13.47 23.43 13.48
C6'A SXN M . -14.22 23.82 14.65
C5'A SXN M . -15.61 24.37 14.27
C4'A SXN M . -16.74 23.67 15.09
O4' SXN M . -16.22 23.28 16.36
C3'A SXN M . -17.94 24.62 15.33
O3' SXN M . -19.15 23.84 15.47
C2'A SXN M . -18.14 25.69 14.21
O2' SXN M . -19.28 26.50 14.50
O5' SXN M . -15.67 25.82 14.49
C1'A SXN M . -16.85 26.59 14.10
O1' SXN M . -16.68 27.06 12.69
C1' SXN M . -16.44 28.50 12.35
C17' SXN M . -17.81 29.21 12.37
C16' SXN M . -15.53 29.16 13.40
C2' SXN M . -15.81 28.54 10.85
O36 SXN M . -16.72 29.10 9.90
C3' SXN M . -14.41 29.28 10.76
C4' SXN M . -13.44 28.79 9.87
C5' SXN M . -12.14 29.37 9.72
C18' SXN M . -11.69 30.58 10.55
C6' SXN M . -11.26 28.74 8.78
C7' SXN M . -9.93 29.13 8.49
C8' SXN M . -9.24 28.38 7.53
C9' SXN M . -7.87 28.59 7.12
C19' SXN M . -7.03 29.70 7.72
C10' SXN M . -7.35 27.69 6.12
C11' SXN M . -6.02 27.73 5.63
C12' SXN M . -5.68 26.76 4.65
C13' SXN M . -4.38 26.64 4.06
C20' SXN M . -3.24 27.56 4.49
C14' SXN M . -4.19 25.61 3.07
C15' SXN M . -2.96 25.38 2.43
C15 SXN M . -2.86 24.38 1.45
C14 SXN M . -1.63 24.14 0.81
C13 SXN M . -1.47 23.17 -0.21
C20 SXN M . -2.65 22.33 -0.70
C12 SXN M . -0.17 23.02 -0.80
C11 SXN M . 0.10 22.11 -1.84
C10 SXN M . 1.39 22.03 -2.39
C9 SXN M . 1.69 21.14 -3.46
C19 SXN M . 0.59 20.26 -4.05
C8 SXN M . 3.01 21.11 -3.98
C7 SXN M . 3.34 20.24 -5.04
C6 SXN M . 4.64 20.17 -5.64
C1 SXN M . 4.86 20.91 -7.04
C17 SXN M . 5.12 22.43 -6.80
C16 SXN M . 3.60 20.78 -7.94
C5 SXN M . 5.67 19.39 -5.07
C18 SXN M . 5.42 18.58 -3.78
C4 SXN M . 6.90 19.25 -5.71
O21 SXN M . 7.74 18.46 -5.28
C3 SXN M . 7.27 20.08 -6.92
C2 SXN M . 6.05 20.31 -7.83
C10 UNL N . -6.85 1.54 0.26
C9 UNL N . -8.13 1.31 -0.54
C8 UNL N . -9.32 1.72 0.31
C7 UNL N . -10.59 1.72 -0.57
C6 UNL N . -11.83 1.85 0.31
C5 UNL N . -12.88 0.83 -0.15
C4 UNL N . -14.25 1.49 -0.21
C3 UNL N . -15.18 0.72 -1.16
C2 UNL N . -16.51 0.42 -0.47
C1 UNL N . -17.44 -0.34 -1.42
C16 UNL O . -14.45 11.85 -13.53
C15 UNL O . -13.43 11.14 -12.63
C14 UNL O . -12.32 10.54 -13.49
C13 UNL O . -11.00 11.19 -13.12
C12 UNL O . -9.87 10.17 -13.34
C11 UNL O . -8.72 10.39 -12.34
C10 UNL O . -7.42 9.92 -13.00
C9 UNL O . -6.23 10.45 -12.22
C8 UNL O . -5.16 9.39 -12.09
C7 UNL O . -3.83 10.03 -11.73
C6 UNL O . -2.75 9.45 -12.62
C5 UNL O . -1.44 9.30 -11.85
C4 UNL O . -0.28 9.41 -12.83
C3 UNL O . 0.97 8.73 -12.26
C2 UNL O . 1.47 7.67 -13.22
C1 UNL O . 2.99 7.58 -13.14
C7 UNL P . 0.16 0.41 24.56
C6 UNL P . 0.64 0.74 23.14
C5 UNL P . -0.29 1.79 22.52
C4 UNL P . -0.81 1.27 21.18
C3 UNL P . -1.81 2.27 20.62
C2 UNL P . -3.10 1.55 20.24
C1 UNL P . -4.26 2.53 20.25
C7 UNL Q . 9.10 19.39 -11.71
C6 UNL Q . 9.53 17.92 -11.87
C5 UNL Q . 10.93 17.86 -12.47
C4 UNL Q . 10.94 16.87 -13.62
C3 UNL Q . 12.34 16.29 -13.81
C2 UNL Q . 12.30 15.12 -14.79
C1 UNL Q . 13.66 14.41 -14.80
C12 UNL R . -0.45 21.91 10.29
C11 UNL R . 0.41 22.82 11.17
C10 UNL R . 1.88 22.65 10.82
C9 UNL R . 2.73 22.70 12.09
C8 UNL R . 4.05 23.41 11.79
C7 UNL R . 4.94 23.37 13.03
C6 UNL R . 6.18 24.22 12.80
C5 UNL R . 7.29 23.80 13.77
C4 UNL R . 7.72 24.98 14.62
C3 UNL R . 8.26 24.48 15.96
C2 UNL R . 9.76 24.74 16.05
C1 UNL R . 10.37 23.83 17.12
C8 UNL S . -7.63 31.60 -0.83
C7 UNL S . -8.89 32.40 -0.51
C6 UNL S . -10.03 31.45 -0.18
C5 UNL S . -11.31 32.25 0.07
C4 UNL S . -12.48 31.59 -0.66
C3 UNL S . -13.80 32.21 -0.19
C2 UNL S . -14.97 31.33 -0.63
C1 UNL S . -15.48 31.80 -1.99
C1 UNL T . -8.12 27.50 -0.49
C2 UNL T . -9.39 27.74 0.32
C3 UNL T . -10.58 27.10 -0.39
C4 UNL T . -11.84 27.90 -0.09
C5 UNL T . -13.07 27.05 -0.34
C6 UNL T . -14.15 27.40 0.67
C7 UNL T . -15.49 26.83 0.23
C7 UNL U . -2.76 8.45 30.80
C6 UNL U . -4.03 8.52 29.97
C5 UNL U . -4.32 7.16 29.34
C4 UNL U . -4.85 7.35 27.93
C3 UNL U . -6.32 7.00 27.88
C2 UNL U . -6.50 5.53 27.50
C1 UNL U . -7.98 5.19 27.46
C1 UNL V . -13.87 19.21 -15.57
C2 UNL V . -12.41 19.63 -15.39
C3 UNL V . -11.67 18.58 -14.56
C4 UNL V . -10.28 19.09 -14.22
C5 UNL V . -9.77 18.47 -12.92
C6 UNL V . -8.29 18.76 -12.74
C7 UNL V . -7.63 17.70 -11.87
C8 UNL V . -6.18 17.47 -12.32
C6 UNL W . 10.16 27.94 25.66
C5 UNL W . 8.71 27.44 25.72
C4 UNL W . 7.87 28.08 24.61
C3 UNL W . 6.89 27.02 24.09
C2 UNL W . 5.69 27.71 23.45
C1 UNL W . 4.69 26.66 22.96
C11 UNL X . 9.17 3.71 25.00
C10 UNL X . 7.82 4.08 24.41
C9 UNL X . 7.16 5.15 25.28
C8 UNL X . 5.82 5.54 24.69
C7 UNL X . 5.00 6.27 25.74
C6 UNL X . 3.81 5.42 26.11
C5 UNL X . 2.63 6.34 26.39
C4 UNL X . 1.35 5.63 26.00
C3 UNL X . 0.47 5.49 27.23
C2 UNL X . -0.79 4.72 26.85
C1 UNL X . -1.96 5.68 26.81
C7 UNL Y . -6.75 -4.15 16.32
C6 UNL Y . -7.69 -3.71 15.21
C5 UNL Y . -8.94 -3.10 15.83
C4 UNL Y . -9.23 -1.78 15.13
C3 UNL Y . -10.52 -1.88 14.34
C2 UNL Y . -11.41 -0.70 14.67
C1 UNL Y . -12.85 -1.17 14.84
C1 UNL Z . -9.72 20.98 -17.82
C2 UNL Z . -8.32 21.59 -17.66
C3 UNL Z . -7.66 21.02 -16.40
C4 UNL Z . -6.92 22.14 -15.66
C5 UNL Z . -6.24 21.56 -14.42
C6 UNL Z . -6.24 22.59 -13.31
C7 UNL Z . -5.15 22.22 -12.30
C8 UNL Z . -5.00 23.32 -11.25
C1 RET AA . 3.76 13.65 -0.45
C2 RET AA . 4.80 13.82 -1.58
C3 RET AA . 4.70 15.08 -2.36
C4 RET AA . 3.30 15.32 -2.90
C5 RET AA . 2.15 15.08 -1.90
C6 RET AA . 2.38 14.37 -0.74
C7 RET AA . 1.21 14.36 0.17
C8 RET AA . 1.05 13.77 1.40
C9 RET AA . -0.12 13.82 2.27
C10 RET AA . 0.05 13.12 3.43
C11 RET AA . -1.06 13.09 4.43
C12 RET AA . -0.81 12.36 5.59
C13 RET AA . -1.83 12.26 6.64
C14 RET AA . -1.41 11.47 7.67
C15 RET AA . -2.26 11.12 8.79
C16 RET AA . 3.53 12.09 -0.25
C17 RET AA . 4.55 14.23 0.81
C18 RET AA . 0.93 15.81 -2.38
C19 RET AA . -1.36 14.59 1.88
C20 RET AA . -3.15 12.95 6.57
O1 PX4 BA . 17.76 23.67 25.92
O2 PX4 BA . 17.39 25.57 24.28
P1 PX4 BA . 17.41 23.97 24.48
O3 PX4 BA . 18.43 23.34 23.54
O4 PX4 BA . 15.94 23.38 24.15
C6 PX4 BA . 15.29 23.76 22.93
C7 PX4 BA . 13.81 23.36 22.99
C8 PX4 BA . 13.04 24.12 21.88
O5 PX4 BA . 12.13 25.08 22.46
C9 PX4 BA . 11.01 25.64 21.68
O6 PX4 BA . 11.23 26.26 20.64
C10 PX4 BA . 9.59 25.48 22.17
C11 PX4 BA . 8.66 25.06 21.04
C12 PX4 BA . 7.62 24.10 21.58
C13 PX4 BA . 6.61 23.84 20.49
C14 PX4 BA . 5.63 22.76 20.96
C15 PX4 BA . 4.86 22.25 19.75
C16 PX4 BA . 3.80 21.28 20.21
O7 PX4 BA . 13.27 23.63 24.31
C23 PX4 BA . 12.26 22.73 24.91
O8 PX4 BA . 12.61 21.84 25.68
C24 PX4 BA . 10.80 22.92 24.56
C25 PX4 BA . 9.97 23.11 25.80
C26 PX4 BA . 8.61 22.51 25.54
C27 PX4 BA . 7.60 23.08 26.53
C28 PX4 BA . 6.29 23.38 25.82
C29 PX4 BA . 5.59 22.08 25.45
C30 PX4 BA . 4.08 22.28 25.49
C31 PX4 BA . 3.50 21.73 24.20
C32 PX4 BA . 2.04 21.36 24.39
C33 PX4 BA . 1.24 21.92 23.21
C34 PX4 BA . -0.14 22.37 23.68
C35 PX4 BA . -1.20 21.49 23.01
C36 PX4 BA . -2.17 22.36 22.24
C1 PCW CA . 4.36 27.21 18.04
C2 PCW CA . 3.71 25.93 17.50
C3 PCW CA . 3.86 25.89 15.97
C11 PCW CA . 1.70 26.40 14.72
C12 PCW CA . 0.82 25.95 13.58
C13 PCW CA . -0.39 25.21 14.14
C14 PCW CA . -1.67 25.83 13.58
C15 PCW CA . -2.81 24.81 13.65
C16 PCW CA . -4.14 25.56 13.85
C17 PCW CA . -5.14 24.65 14.58
C18 PCW CA . -6.56 24.94 14.10
C19 PCW CA . -7.21 23.64 13.65
C20 PCW CA . -8.37 23.29 14.59
C21 PCW CA . -8.37 21.79 14.91
C22 PCW CA . -9.79 21.27 14.73
C23 PCW CA . -9.96 19.95 15.47
C24 PCW CA . -11.42 19.51 15.41
C25 PCW CA . -12.14 19.86 16.72
C26 PCW CA . -13.52 20.45 16.41
C27 PCW CA . -14.47 20.20 17.56
C28 PCW CA . -15.90 20.26 17.06
C31 PCW CA . 1.73 24.99 18.85
C32 PCW CA . 0.24 24.93 19.02
C33 PCW CA . -0.35 23.82 18.15
C34 PCW CA . -1.74 24.23 17.68
C35 PCW CA . -2.71 23.07 17.90
C36 PCW CA . -4.10 23.63 18.20
C37 PCW CA . -5.16 22.59 17.81
C38 PCW CA . -6.49 22.96 18.47
C39 PCW CA . -7.22 21.69 18.87
C40 PCW CA . -8.72 21.85 18.59
O2 PCW CA . 2.31 25.93 17.86
O3 PCW CA . 2.63 25.45 15.35
O11 PCW CA . 1.65 27.56 15.12
O31 PCW CA . 2.45 24.27 19.52
O1P PCW CA . 6.29 29.05 19.62
O2P PCW CA . 6.54 29.41 17.16
O3P PCW CA . 5.79 27.10 17.98
O4P PCW CA . 8.16 27.99 18.39
P PCW CA . 6.71 28.41 18.29
#